data_8Q75
#
_entry.id   8Q75
#
_cell.length_a   1.00
_cell.length_b   1.00
_cell.length_c   1.00
_cell.angle_alpha   90.00
_cell.angle_beta   90.00
_cell.angle_gamma   90.00
#
_symmetry.space_group_name_H-M   'P 1'
#
loop_
_entity.id
_entity.type
_entity.pdbx_description
1 polymer 'Copper-transporting ATPase HMA4'
2 non-polymer 'TETRAFLUOROALUMINATE ION'
3 non-polymer 'MAGNESIUM ION'
#
_entity_poly.entity_id   1
_entity_poly.type   'polypeptide(L)'
_entity_poly.pdbx_seq_one_letter_code
;EVDELQEQEIAVCRLQIKGMACTSCSESVERALQMVPGVKKAAVGLALEEAKVHFDPNITSRDLIIEAIEDAGFGADLIS
SGDDVNKVHLKLEGVSSPEDIKLIQSRLESVEGVNNVECDTAGQTIIVAYDPDVTGPRLLIQCIQDAAQPPKYFNASLYS
PPKQREAERHHEIRNYRNQFLWSCLFSVPVFMFSMVLPMISPFGDWLFYKVCNNMTIGMLLRWLLCSPVQFIIGWRFYVG
AYHALKRGYSNMDVLVALGTNAAYFYSVYIVLKALTSESFEGQDFFETSAMLISFILLGKYLEVVAKGKTSDALSKLTEL
APETACLLTLDKDGNAISETEISTQLLQRNDVIKIVPGEKVPVDGVVIKGQSHVNESMITGEARPIAKKPGDKVIGGTVN
DNGCIIVKVTHVGSETALSQIVQLVEAAQLARAPVQKLADRISRFFVPTVVVAAFLTWLGWFVAGQFDIYPREWIPKAMD
SFELALQFGISVLVVACPCALGLATPTAVMVATGKGASQGVLIKGGNALEKAHKVKAIIFDKTGTLTVGKPSVVQTKVFS
KIPLLELCDLAAGAEANSEHPLSKAIVEYTKKLREQYGSHSDHIMESKDFEVHPGAGVSANVEGKLVLVGNKRLMQEFEV
PISSEVEGHMSETEELARTCVLVAIDRTICGALSVSDPLKPEAGRAISYLSSMGISSIMVTGDNWATAKSIAKEVGIGTV
FAEIDPVGKAEKIKDLQMKGLTVAMVGDGINDSPALAAADVGLAIGAGTDVAIEAADIVLMRSSLEDVITAIDLSRKTLS
RIRLNYVWALGYNVLGMPVAAGVLFPFTGIRLPPWLAGACMAASSVSVVCSSLLLQLYKKPLHVEEVAAGPKNDPDLV
;
_entity_poly.pdbx_strand_id   A
#
loop_
_chem_comp.id
_chem_comp.type
_chem_comp.name
_chem_comp.formula
ALF non-polymer 'TETRAFLUOROALUMINATE ION' 'Al F4 -1'
MG non-polymer 'MAGNESIUM ION' 'Mg 2'
#
# COMPACT_ATOMS: atom_id res chain seq x y z
N ASP A 84 18.30 -14.02 -16.37
CA ASP A 84 18.68 -15.43 -16.36
C ASP A 84 19.37 -15.84 -17.65
N VAL A 85 18.58 -15.95 -18.72
CA VAL A 85 19.14 -16.37 -20.01
C VAL A 85 20.15 -15.35 -20.52
N ASN A 86 19.99 -14.08 -20.13
CA ASN A 86 20.99 -13.07 -20.46
C ASN A 86 22.15 -13.16 -19.46
N LYS A 87 21.86 -12.92 -18.18
CA LYS A 87 22.84 -13.03 -17.11
C LYS A 87 22.19 -13.79 -15.95
N VAL A 88 22.48 -15.09 -15.82
CA VAL A 88 21.98 -15.87 -14.70
C VAL A 88 22.93 -15.64 -13.53
N HIS A 89 22.35 -15.24 -12.39
CA HIS A 89 23.13 -15.06 -11.17
C HIS A 89 23.11 -16.35 -10.38
N LEU A 90 24.29 -16.97 -10.22
CA LEU A 90 24.40 -18.27 -9.56
C LEU A 90 25.11 -18.05 -8.23
N LYS A 91 24.34 -17.72 -7.20
CA LYS A 91 24.88 -17.63 -5.85
C LYS A 91 25.06 -19.03 -5.28
N LEU A 92 26.32 -19.44 -5.14
CA LEU A 92 26.64 -20.80 -4.73
C LEU A 92 26.14 -21.07 -3.31
N GLU A 93 25.56 -22.27 -3.14
CA GLU A 93 25.03 -22.69 -1.84
C GLU A 93 25.88 -23.81 -1.31
N GLY A 94 26.27 -23.72 -0.05
CA GLY A 94 27.15 -24.71 0.54
C GLY A 94 28.59 -24.59 0.10
N VAL A 95 28.97 -23.44 -0.49
CA VAL A 95 30.32 -23.22 -0.96
C VAL A 95 30.93 -22.12 -0.11
N SER A 96 32.05 -22.41 0.55
CA SER A 96 32.77 -21.43 1.35
C SER A 96 34.26 -21.40 1.04
N SER A 97 34.77 -22.29 0.20
CA SER A 97 36.18 -22.34 -0.13
C SER A 97 36.38 -21.96 -1.59
N PRO A 98 37.42 -21.18 -1.91
CA PRO A 98 37.63 -20.78 -3.31
C PRO A 98 37.97 -21.92 -4.24
N GLU A 99 38.41 -23.08 -3.72
CA GLU A 99 38.74 -24.20 -4.60
C GLU A 99 37.50 -24.74 -5.30
N ASP A 100 36.38 -24.81 -4.59
CA ASP A 100 35.13 -25.23 -5.23
C ASP A 100 34.71 -24.23 -6.30
N ILE A 101 34.86 -22.94 -6.03
CA ILE A 101 34.54 -21.91 -7.01
C ILE A 101 35.41 -22.07 -8.24
N LYS A 102 36.70 -22.37 -8.04
CA LYS A 102 37.62 -22.53 -9.17
C LYS A 102 37.29 -23.77 -9.98
N LEU A 103 36.90 -24.86 -9.31
CA LEU A 103 36.49 -26.06 -10.03
C LEU A 103 35.24 -25.78 -10.86
N ILE A 104 34.28 -25.06 -10.29
CA ILE A 104 33.08 -24.65 -11.01
C ILE A 104 33.46 -23.79 -12.21
N GLN A 105 34.40 -22.87 -12.00
CA GLN A 105 34.85 -21.98 -13.06
C GLN A 105 35.48 -22.75 -14.21
N SER A 106 36.31 -23.75 -13.88
CA SER A 106 36.92 -24.58 -14.91
C SER A 106 35.87 -25.39 -15.67
N ARG A 107 34.90 -25.96 -14.96
CA ARG A 107 33.85 -26.72 -15.64
C ARG A 107 33.05 -25.82 -16.57
N LEU A 108 32.77 -24.58 -16.13
CA LEU A 108 32.01 -23.67 -16.97
C LEU A 108 32.83 -23.20 -18.18
N GLU A 109 34.14 -22.95 -17.98
CA GLU A 109 35.00 -22.61 -19.10
C GLU A 109 35.13 -23.74 -20.10
N SER A 110 35.02 -24.99 -19.65
CA SER A 110 34.99 -26.14 -20.54
C SER A 110 33.72 -26.18 -21.38
N VAL A 111 32.71 -25.37 -21.05
CA VAL A 111 31.47 -25.32 -21.79
C VAL A 111 31.46 -24.06 -22.65
N GLU A 112 31.17 -24.22 -23.94
CA GLU A 112 31.12 -23.11 -24.88
C GLU A 112 29.66 -22.76 -25.16
N GLY A 113 29.40 -21.46 -25.27
CA GLY A 113 28.04 -20.97 -25.43
C GLY A 113 27.78 -19.79 -24.52
N VAL A 114 28.62 -19.65 -23.50
CA VAL A 114 28.53 -18.53 -22.57
C VAL A 114 29.36 -17.38 -23.11
N ASN A 115 28.73 -16.23 -23.30
CA ASN A 115 29.40 -15.06 -23.84
C ASN A 115 30.51 -14.54 -22.94
N ASN A 116 30.27 -14.48 -21.63
CA ASN A 116 31.29 -14.02 -20.68
C ASN A 116 30.95 -14.44 -19.26
N VAL A 117 31.96 -14.82 -18.50
CA VAL A 117 31.80 -15.21 -17.10
C VAL A 117 32.45 -14.12 -16.24
N GLU A 118 31.62 -13.40 -15.48
CA GLU A 118 32.10 -12.40 -14.54
C GLU A 118 32.44 -13.10 -13.23
N CYS A 119 33.73 -13.29 -12.98
CA CYS A 119 34.22 -14.12 -11.88
C CYS A 119 34.26 -13.27 -10.62
N ASP A 120 33.19 -13.31 -9.84
CA ASP A 120 33.13 -12.62 -8.55
C ASP A 120 33.60 -13.58 -7.46
N THR A 121 34.92 -13.81 -7.45
CA THR A 121 35.49 -14.72 -6.46
C THR A 121 35.24 -14.25 -5.04
N ALA A 122 35.32 -12.93 -4.81
CA ALA A 122 34.97 -12.35 -3.53
C ALA A 122 33.46 -12.20 -3.46
N GLY A 123 32.82 -13.01 -2.62
CA GLY A 123 31.38 -13.07 -2.51
C GLY A 123 30.78 -14.44 -2.69
N GLN A 124 31.57 -15.44 -3.08
CA GLN A 124 31.11 -16.83 -3.25
C GLN A 124 29.94 -16.92 -4.24
N THR A 125 30.03 -16.16 -5.33
CA THR A 125 29.04 -16.20 -6.40
C THR A 125 29.75 -16.13 -7.74
N ILE A 126 29.08 -16.63 -8.78
CA ILE A 126 29.60 -16.59 -10.15
C ILE A 126 28.51 -16.04 -11.06
N ILE A 127 28.91 -15.20 -12.01
CA ILE A 127 28.00 -14.56 -12.94
C ILE A 127 28.22 -15.16 -14.31
N VAL A 128 27.16 -15.65 -14.92
CA VAL A 128 27.22 -16.28 -16.24
C VAL A 128 26.42 -15.40 -17.20
N ALA A 129 27.13 -14.72 -18.11
CA ALA A 129 26.50 -13.84 -19.08
C ALA A 129 26.56 -14.48 -20.46
N TYR A 130 25.41 -14.59 -21.11
CA TYR A 130 25.33 -15.18 -22.45
C TYR A 130 24.10 -14.59 -23.14
N ASP A 131 23.85 -15.04 -24.37
CA ASP A 131 22.81 -14.47 -25.22
C ASP A 131 21.43 -14.78 -24.65
N PRO A 132 20.51 -13.81 -24.65
CA PRO A 132 19.12 -14.10 -24.28
C PRO A 132 18.44 -14.95 -25.34
N ASP A 133 17.43 -15.71 -24.91
CA ASP A 133 16.60 -16.54 -25.79
C ASP A 133 17.46 -17.57 -26.52
N VAL A 134 18.20 -18.37 -25.75
CA VAL A 134 18.96 -19.49 -26.29
C VAL A 134 19.33 -20.43 -25.15
N THR A 135 19.46 -21.72 -25.48
CA THR A 135 19.84 -22.80 -24.57
C THR A 135 19.20 -22.68 -23.17
N GLY A 136 19.96 -22.36 -22.13
CA GLY A 136 19.38 -22.15 -20.82
C GLY A 136 20.22 -22.59 -19.64
N PRO A 137 19.69 -22.36 -18.44
CA PRO A 137 20.41 -22.72 -17.22
C PRO A 137 20.80 -24.19 -17.11
N ARG A 138 19.91 -25.08 -17.53
CA ARG A 138 19.92 -26.52 -17.24
C ARG A 138 21.29 -27.17 -17.26
N LEU A 139 21.97 -27.09 -18.40
CA LEU A 139 23.27 -27.73 -18.55
C LEU A 139 24.27 -27.05 -17.63
N LEU A 140 24.20 -25.72 -17.56
CA LEU A 140 25.08 -24.98 -16.67
C LEU A 140 24.85 -25.37 -15.22
N ILE A 141 23.59 -25.52 -14.82
CA ILE A 141 23.29 -25.90 -13.44
C ILE A 141 23.77 -27.32 -13.16
N GLN A 142 23.63 -28.22 -14.13
CA GLN A 142 24.17 -29.57 -13.97
C GLN A 142 25.69 -29.54 -13.81
N CYS A 143 26.36 -28.69 -14.60
CA CYS A 143 27.80 -28.53 -14.43
C CYS A 143 28.15 -28.00 -13.04
N ILE A 144 27.33 -27.08 -12.51
CA ILE A 144 27.54 -26.63 -11.13
C ILE A 144 27.41 -27.79 -10.16
N GLN A 145 26.38 -28.61 -10.35
CA GLN A 145 26.13 -29.72 -9.43
C GLN A 145 27.22 -30.78 -9.51
N ASP A 146 27.87 -30.92 -10.67
CA ASP A 146 28.88 -31.97 -10.83
C ASP A 146 30.07 -31.82 -9.88
N ALA A 147 30.28 -30.65 -9.29
CA ALA A 147 31.35 -30.46 -8.33
C ALA A 147 30.93 -30.75 -6.89
N ALA A 148 29.68 -31.18 -6.68
CA ALA A 148 29.16 -31.38 -5.34
C ALA A 148 29.95 -32.47 -4.61
N GLN A 149 30.71 -32.07 -3.61
CA GLN A 149 31.47 -32.98 -2.76
C GLN A 149 31.31 -32.51 -1.32
N PRO A 150 31.56 -33.39 -0.35
CA PRO A 150 31.47 -33.00 1.07
C PRO A 150 32.21 -31.71 1.34
N PRO A 151 31.77 -30.92 2.33
CA PRO A 151 30.68 -31.19 3.28
C PRO A 151 29.28 -30.79 2.81
N LYS A 152 29.08 -30.19 1.63
CA LYS A 152 27.77 -29.68 1.27
C LYS A 152 27.49 -29.97 -0.21
N TYR A 153 26.23 -29.78 -0.58
CA TYR A 153 25.80 -29.93 -1.97
C TYR A 153 25.78 -28.56 -2.63
N PHE A 154 26.39 -28.47 -3.82
CA PHE A 154 26.76 -27.17 -4.39
C PHE A 154 25.64 -26.65 -5.30
N ASN A 155 24.56 -26.20 -4.66
CA ASN A 155 23.51 -25.49 -5.37
C ASN A 155 23.98 -24.09 -5.75
N ALA A 156 23.34 -23.54 -6.79
CA ALA A 156 23.68 -22.20 -7.26
C ALA A 156 22.45 -21.57 -7.89
N SER A 157 22.03 -20.43 -7.34
CA SER A 157 20.90 -19.66 -7.85
C SER A 157 20.87 -18.29 -7.18
N LEU A 158 20.41 -17.28 -7.90
CA LEU A 158 20.34 -15.92 -7.34
C LEU A 158 19.49 -15.89 -6.09
N TYR A 159 20.10 -15.46 -4.98
CA TYR A 159 19.41 -15.37 -3.71
C TYR A 159 18.99 -13.94 -3.44
N SER A 160 17.75 -13.79 -2.99
CA SER A 160 17.15 -12.48 -2.80
C SER A 160 16.69 -12.38 -1.35
N PRO A 161 16.60 -11.17 -0.81
CA PRO A 161 16.14 -11.00 0.57
C PRO A 161 14.71 -11.48 0.73
N PRO A 162 14.50 -12.56 1.47
CA PRO A 162 13.14 -13.09 1.64
C PRO A 162 12.26 -12.20 2.50
N LYS A 163 12.74 -11.81 3.68
CA LYS A 163 11.99 -10.97 4.59
C LYS A 163 12.82 -9.84 5.17
N GLN A 164 13.86 -9.41 4.45
CA GLN A 164 14.65 -8.24 4.85
C GLN A 164 13.78 -7.00 4.93
N ARG A 165 12.65 -7.02 4.22
CA ARG A 165 11.68 -5.93 4.32
C ARG A 165 11.08 -5.82 5.72
N GLU A 166 10.54 -6.93 6.25
CA GLU A 166 9.93 -6.88 7.57
C GLU A 166 11.00 -6.72 8.64
N ALA A 167 12.14 -7.39 8.47
CA ALA A 167 13.25 -7.23 9.40
C ALA A 167 13.72 -5.79 9.44
N GLU A 168 13.84 -5.15 8.27
CA GLU A 168 14.27 -3.77 8.19
C GLU A 168 13.23 -2.83 8.78
N ARG A 169 11.95 -3.10 8.55
CA ARG A 169 10.89 -2.30 9.14
C ARG A 169 10.97 -2.36 10.66
N HIS A 170 11.04 -3.57 11.20
CA HIS A 170 11.15 -3.74 12.64
C HIS A 170 12.41 -3.10 13.18
N HIS A 171 13.51 -3.21 12.44
CA HIS A 171 14.79 -2.67 12.90
C HIS A 171 14.78 -1.14 12.88
N GLU A 172 14.17 -0.54 11.87
CA GLU A 172 14.07 0.91 11.83
C GLU A 172 13.17 1.42 12.94
N ILE A 173 12.05 0.74 13.17
CA ILE A 173 11.16 1.14 14.28
C ILE A 173 11.90 1.03 15.60
N ARG A 174 12.62 -0.08 15.79
CA ARG A 174 13.37 -0.29 17.03
C ARG A 174 14.50 0.72 17.17
N ASN A 175 15.15 1.07 16.07
CA ASN A 175 16.26 2.01 16.10
C ASN A 175 15.78 3.41 16.49
N TYR A 176 14.70 3.85 15.85
CA TYR A 176 14.14 5.16 16.21
C TYR A 176 13.62 5.15 17.64
N ARG A 177 13.00 4.06 18.06
CA ARG A 177 12.55 3.94 19.44
C ARG A 177 13.73 4.02 20.40
N ASN A 178 14.82 3.33 20.07
CA ASN A 178 16.00 3.34 20.93
C ASN A 178 16.62 4.72 21.01
N GLN A 179 16.69 5.42 19.87
CA GLN A 179 17.23 6.78 19.90
C GLN A 179 16.35 7.69 20.75
N PHE A 180 15.03 7.56 20.60
CA PHE A 180 14.13 8.37 21.42
C PHE A 180 14.27 8.05 22.89
N LEU A 181 14.37 6.77 23.26
CA LEU A 181 14.48 6.41 24.66
C LEU A 181 15.83 6.83 25.24
N TRP A 182 16.90 6.71 24.44
CA TRP A 182 18.20 7.18 24.89
C TRP A 182 18.19 8.69 25.12
N SER A 183 17.54 9.42 24.21
CA SER A 183 17.39 10.86 24.40
C SER A 183 16.63 11.16 25.68
N CYS A 184 15.58 10.39 25.94
CA CYS A 184 14.81 10.56 27.16
C CYS A 184 15.67 10.30 28.40
N LEU A 185 16.48 9.25 28.37
CA LEU A 185 17.27 8.87 29.55
C LEU A 185 18.42 9.81 29.83
N PHE A 186 18.47 10.96 29.15
CA PHE A 186 19.36 12.05 29.53
C PHE A 186 18.58 13.36 29.64
N SER A 187 17.51 13.49 28.87
CA SER A 187 16.73 14.73 28.88
C SER A 187 15.81 14.78 30.09
N VAL A 188 15.05 13.71 30.31
CA VAL A 188 14.19 13.57 31.46
C VAL A 188 15.02 13.77 32.73
N PRO A 189 16.29 13.33 32.78
CA PRO A 189 17.16 13.81 33.85
C PRO A 189 17.23 15.33 33.97
N VAL A 190 17.51 16.05 32.88
CA VAL A 190 17.69 17.50 32.91
C VAL A 190 16.42 18.20 33.37
N PHE A 191 15.27 17.61 33.03
CA PHE A 191 13.98 18.21 33.31
C PHE A 191 13.47 17.80 34.69
N MET A 192 13.86 16.62 35.18
CA MET A 192 13.61 16.25 36.57
C MET A 192 14.47 17.07 37.50
N PHE A 193 15.70 17.36 37.08
CA PHE A 193 16.54 18.45 37.57
C PHE A 193 15.90 19.71 37.01
N SER A 194 16.68 20.72 36.65
CA SER A 194 16.20 22.07 36.97
C SER A 194 14.90 22.49 36.28
N MET A 195 13.83 21.79 36.63
CA MET A 195 12.44 22.22 36.43
C MET A 195 11.58 22.02 37.67
N VAL A 196 11.81 20.93 38.41
CA VAL A 196 10.98 20.60 39.57
C VAL A 196 11.81 20.35 40.83
N LEU A 197 12.83 19.51 40.74
CA LEU A 197 13.66 19.21 41.91
C LEU A 197 14.30 20.43 42.54
N PRO A 198 14.80 21.42 41.80
CA PRO A 198 15.30 22.64 42.47
C PRO A 198 14.24 23.32 43.31
N MET A 199 12.97 23.19 42.94
CA MET A 199 11.88 23.82 43.66
C MET A 199 11.70 23.14 45.02
N ILE A 200 12.09 21.87 45.12
CA ILE A 200 11.82 21.08 46.31
C ILE A 200 13.13 20.79 47.03
N SER A 201 13.08 20.86 48.36
CA SER A 201 14.22 20.50 49.19
C SER A 201 14.15 19.02 49.53
N PRO A 202 15.27 18.41 49.98
CA PRO A 202 16.62 18.96 50.14
C PRO A 202 17.38 19.05 48.82
N PHE A 203 16.82 18.44 47.77
CA PHE A 203 17.50 18.39 46.47
C PHE A 203 17.76 19.79 45.93
N GLY A 204 16.84 20.71 46.17
CA GLY A 204 17.02 22.09 45.74
C GLY A 204 18.24 22.71 46.37
N ASP A 205 18.47 22.40 47.65
CA ASP A 205 19.66 22.93 48.34
C ASP A 205 20.93 22.39 47.69
N TRP A 206 20.97 21.10 47.39
CA TRP A 206 22.16 20.52 46.77
C TRP A 206 22.39 21.10 45.38
N LEU A 207 21.32 21.24 44.59
CA LEU A 207 21.44 21.84 43.26
C LEU A 207 21.90 23.29 43.37
N PHE A 208 21.33 24.03 44.31
CA PHE A 208 21.70 25.42 44.51
C PHE A 208 22.93 25.58 45.39
N TYR A 209 23.49 24.50 45.90
CA TYR A 209 24.78 24.61 46.59
C TYR A 209 25.84 25.07 45.60
N LYS A 210 26.53 26.14 45.95
CA LYS A 210 27.38 26.85 45.01
C LYS A 210 28.73 26.17 44.83
N VAL A 211 29.38 26.55 43.74
CA VAL A 211 30.75 26.15 43.41
C VAL A 211 31.42 27.50 43.18
N CYS A 212 32.67 27.51 42.69
CA CYS A 212 33.43 28.74 42.50
C CYS A 212 32.54 29.89 42.03
N ASN A 213 32.64 31.01 42.74
CA ASN A 213 31.76 32.16 42.58
C ASN A 213 30.29 31.76 42.58
N ASN A 214 29.61 31.91 41.44
CA ASN A 214 28.16 31.72 41.39
C ASN A 214 27.70 30.51 40.61
N MET A 215 28.58 29.88 39.83
CA MET A 215 28.21 28.63 39.17
C MET A 215 27.80 27.59 40.21
N THR A 216 26.53 27.22 40.23
CA THR A 216 26.10 26.18 41.16
C THR A 216 26.33 24.81 40.53
N ILE A 217 26.37 23.79 41.39
CA ILE A 217 26.61 22.44 40.89
C ILE A 217 25.48 21.98 40.00
N GLY A 218 24.30 22.59 40.14
CA GLY A 218 23.20 22.30 39.26
C GLY A 218 23.54 22.63 37.82
N MET A 219 24.15 23.80 37.60
CA MET A 219 24.52 24.19 36.25
C MET A 219 25.54 23.23 35.65
N LEU A 220 26.55 22.85 36.43
CA LEU A 220 27.54 21.90 35.93
C LEU A 220 26.89 20.56 35.61
N LEU A 221 26.01 20.09 36.49
CA LEU A 221 25.36 18.81 36.27
C LEU A 221 24.52 18.82 35.00
N ARG A 222 23.77 19.90 34.78
CA ARG A 222 22.93 19.99 33.60
C ARG A 222 23.77 20.15 32.34
N TRP A 223 24.86 20.90 32.43
CA TRP A 223 25.76 21.07 31.30
C TRP A 223 26.37 19.73 30.90
N LEU A 224 26.72 18.92 31.90
CA LEU A 224 27.31 17.61 31.63
C LEU A 224 26.26 16.65 31.09
N LEU A 225 25.03 16.72 31.61
CA LEU A 225 23.99 15.78 31.21
C LEU A 225 23.40 16.08 29.84
N CYS A 226 23.16 17.35 29.53
CA CYS A 226 22.57 17.71 28.25
C CYS A 226 23.58 17.62 27.11
N SER A 227 24.87 17.72 27.41
CA SER A 227 25.89 17.68 26.37
C SER A 227 25.86 16.43 25.51
N PRO A 228 25.79 15.20 26.07
CA PRO A 228 25.72 14.01 25.20
C PRO A 228 24.51 14.07 24.29
N VAL A 229 23.37 14.53 24.79
CA VAL A 229 22.18 14.67 23.94
C VAL A 229 22.51 15.53 22.73
N GLN A 230 22.81 16.79 22.98
CA GLN A 230 22.96 17.77 21.91
C GLN A 230 24.08 17.40 20.96
N PHE A 231 25.15 16.81 21.47
CA PHE A 231 26.34 16.63 20.65
C PHE A 231 26.54 15.21 20.15
N ILE A 232 25.66 14.28 20.51
CA ILE A 232 25.76 12.91 20.01
C ILE A 232 24.43 12.55 19.35
N ILE A 233 23.35 12.62 20.13
CA ILE A 233 22.04 12.21 19.63
C ILE A 233 21.63 13.21 18.57
N GLY A 234 22.18 14.42 18.65
CA GLY A 234 21.82 15.48 17.73
C GLY A 234 22.70 15.62 16.51
N TRP A 235 23.60 14.67 16.26
CA TRP A 235 24.31 14.71 14.98
C TRP A 235 23.33 14.69 13.82
N ARG A 236 22.20 14.00 13.99
CA ARG A 236 21.19 13.96 12.95
C ARG A 236 20.78 15.37 12.56
N PHE A 237 20.49 16.20 13.56
CA PHE A 237 19.99 17.54 13.29
C PHE A 237 21.07 18.43 12.69
N TYR A 238 22.30 18.31 13.18
CA TYR A 238 23.40 19.11 12.66
C TYR A 238 23.68 18.76 11.20
N VAL A 239 23.74 17.46 10.89
CA VAL A 239 24.03 17.06 9.51
C VAL A 239 22.84 17.39 8.61
N GLY A 240 21.63 17.31 9.13
CA GLY A 240 20.48 17.73 8.35
C GLY A 240 20.51 19.21 8.03
N ALA A 241 20.87 20.04 9.00
CA ALA A 241 21.02 21.46 8.73
C ALA A 241 22.13 21.73 7.73
N TYR A 242 23.26 21.04 7.87
CA TYR A 242 24.38 21.30 6.98
C TYR A 242 24.12 20.78 5.58
N HIS A 243 23.26 19.77 5.44
CA HIS A 243 22.85 19.30 4.13
C HIS A 243 21.71 20.12 3.55
N ALA A 244 20.92 20.80 4.37
CA ALA A 244 20.00 21.80 3.87
C ALA A 244 20.75 22.98 3.29
N LEU A 245 21.73 23.50 4.06
CA LEU A 245 22.72 24.46 3.60
C LEU A 245 22.09 25.52 2.70
N LYS A 246 22.49 25.57 1.44
CA LYS A 246 21.90 26.45 0.45
C LYS A 246 21.16 25.70 -0.65
N ARG A 247 21.44 24.40 -0.82
CA ARG A 247 20.70 23.62 -1.81
C ARG A 247 19.21 23.65 -1.53
N GLY A 248 18.84 23.71 -0.27
CA GLY A 248 17.46 23.97 0.12
C GLY A 248 17.37 25.35 0.75
N TYR A 249 16.20 25.74 1.22
CA TYR A 249 16.01 27.05 1.84
C TYR A 249 16.07 26.91 3.35
N SER A 250 15.13 26.17 3.95
CA SER A 250 15.20 25.84 5.37
C SER A 250 14.24 24.69 5.67
N ASN A 251 14.77 23.55 6.06
CA ASN A 251 13.94 22.40 6.39
C ASN A 251 13.62 22.44 7.89
N MET A 252 13.05 21.36 8.43
CA MET A 252 12.82 21.29 9.86
C MET A 252 14.13 21.17 10.62
N ASP A 253 15.13 20.56 10.00
CA ASP A 253 16.40 20.31 10.67
C ASP A 253 17.08 21.62 11.07
N VAL A 254 17.08 22.62 10.19
CA VAL A 254 17.71 23.89 10.53
C VAL A 254 16.95 24.57 11.65
N LEU A 255 15.62 24.43 11.66
CA LEU A 255 14.83 25.02 12.73
C LEU A 255 15.18 24.41 14.08
N VAL A 256 15.28 23.08 14.12
CA VAL A 256 15.71 22.42 15.34
C VAL A 256 17.13 22.86 15.71
N ALA A 257 17.98 23.04 14.71
CA ALA A 257 19.37 23.43 14.96
C ALA A 257 19.43 24.80 15.63
N LEU A 258 18.77 25.79 15.03
CA LEU A 258 18.72 27.10 15.66
C LEU A 258 18.17 27.03 17.08
N GLY A 259 17.01 26.41 17.26
CA GLY A 259 16.46 26.32 18.60
C GLY A 259 17.42 25.73 19.61
N THR A 260 17.83 24.49 19.36
CA THR A 260 18.65 23.76 20.33
C THR A 260 20.00 24.44 20.55
N ASN A 261 20.70 24.77 19.46
CA ASN A 261 22.02 25.37 19.59
C ASN A 261 21.98 26.73 20.27
N ALA A 262 21.00 27.56 19.92
CA ALA A 262 20.87 28.84 20.58
C ALA A 262 20.67 28.66 22.08
N ALA A 263 19.71 27.78 22.46
CA ALA A 263 19.47 27.57 23.88
C ALA A 263 20.71 27.04 24.58
N TYR A 264 21.38 26.04 24.00
CA TYR A 264 22.55 25.42 24.61
C TYR A 264 23.69 26.41 24.77
N PHE A 265 24.05 27.11 23.70
CA PHE A 265 25.19 28.02 23.79
C PHE A 265 24.89 29.20 24.69
N TYR A 266 23.64 29.67 24.71
CA TYR A 266 23.31 30.73 25.65
C TYR A 266 23.41 30.23 27.09
N SER A 267 23.02 28.97 27.32
CA SER A 267 23.18 28.39 28.64
C SER A 267 24.65 28.30 29.03
N VAL A 268 25.50 27.91 28.09
CA VAL A 268 26.93 27.84 28.37
C VAL A 268 27.47 29.22 28.69
N TYR A 269 27.03 30.23 27.93
CA TYR A 269 27.40 31.61 28.23
C TYR A 269 27.00 32.00 29.64
N ILE A 270 25.77 31.67 30.03
CA ILE A 270 25.25 32.03 31.34
C ILE A 270 26.08 31.36 32.43
N VAL A 271 26.38 30.07 32.27
CA VAL A 271 27.12 29.32 33.27
C VAL A 271 28.53 29.87 33.41
N LEU A 272 29.21 30.09 32.28
CA LEU A 272 30.59 30.56 32.33
C LEU A 272 30.64 31.97 32.94
N LYS A 273 29.66 32.82 32.61
CA LYS A 273 29.65 34.14 33.19
C LYS A 273 29.40 34.10 34.69
N ALA A 274 28.45 33.27 35.12
CA ALA A 274 28.19 33.10 36.55
C ALA A 274 29.45 32.61 37.25
N LEU A 275 30.23 31.78 36.56
CA LEU A 275 31.52 31.38 37.10
C LEU A 275 32.46 32.56 37.25
N THR A 276 32.54 33.41 36.23
CA THR A 276 33.52 34.49 36.26
C THR A 276 33.00 35.77 36.92
N SER A 277 31.72 35.83 37.27
CA SER A 277 31.17 37.01 37.91
C SER A 277 30.95 36.75 39.39
N GLU A 278 30.38 37.73 40.09
CA GLU A 278 30.11 37.61 41.52
C GLU A 278 28.66 37.75 41.91
N SER A 279 27.84 38.47 41.14
CA SER A 279 26.41 38.58 41.43
C SER A 279 25.52 38.21 40.25
N PHE A 280 26.09 37.83 39.10
CA PHE A 280 25.29 37.49 37.93
C PHE A 280 24.41 36.28 38.18
N GLU A 281 23.09 36.49 38.25
CA GLU A 281 22.17 35.38 38.35
C GLU A 281 21.64 35.02 36.96
N GLY A 282 20.64 34.16 36.92
CA GLY A 282 20.04 33.77 35.65
C GLY A 282 20.07 32.29 35.40
N GLN A 283 18.90 31.70 35.21
CA GLN A 283 18.82 30.26 34.99
C GLN A 283 19.36 29.90 33.61
N ASP A 284 19.82 28.66 33.49
CA ASP A 284 20.28 28.12 32.23
C ASP A 284 19.10 27.58 31.43
N PHE A 285 19.19 27.72 30.11
CA PHE A 285 18.17 27.20 29.20
C PHE A 285 18.48 25.78 28.76
N PHE A 286 19.26 25.06 29.57
CA PHE A 286 19.64 23.69 29.23
C PHE A 286 18.44 22.77 29.13
N GLU A 287 17.32 23.14 29.77
CA GLU A 287 16.13 22.30 29.74
C GLU A 287 15.58 22.20 28.32
N THR A 288 15.38 23.33 27.67
CA THR A 288 14.75 23.35 26.35
C THR A 288 15.58 22.61 25.32
N SER A 289 16.90 22.82 25.34
CA SER A 289 17.78 22.20 24.35
C SER A 289 17.67 20.68 24.39
N ALA A 290 17.76 20.11 25.59
CA ALA A 290 17.67 18.66 25.71
C ALA A 290 16.24 18.18 25.47
N MET A 291 15.25 18.93 25.94
CA MET A 291 13.87 18.48 25.86
C MET A 291 13.37 18.58 24.44
N LEU A 292 13.93 19.52 23.67
CA LEU A 292 13.57 19.64 22.25
C LEU A 292 13.97 18.38 21.49
N ILE A 293 15.15 17.85 21.77
CA ILE A 293 15.64 16.67 21.06
C ILE A 293 14.69 15.51 21.25
N SER A 294 14.12 15.39 22.45
CA SER A 294 13.19 14.31 22.74
C SER A 294 11.95 14.40 21.85
N PHE A 295 11.39 15.60 21.69
CA PHE A 295 10.15 15.74 20.94
C PHE A 295 10.37 15.51 19.46
N ILE A 296 11.44 16.07 18.89
CA ILE A 296 11.69 15.89 17.46
C ILE A 296 11.95 14.42 17.16
N LEU A 297 12.71 13.75 18.02
CA LEU A 297 12.90 12.31 17.86
C LEU A 297 11.59 11.57 17.97
N LEU A 298 10.71 12.01 18.88
CA LEU A 298 9.39 11.40 18.98
C LEU A 298 8.63 11.55 17.68
N GLY A 299 8.74 12.71 17.04
CA GLY A 299 8.14 12.92 15.74
C GLY A 299 8.74 12.01 14.69
N LYS A 300 10.06 11.89 14.69
CA LYS A 300 10.72 10.99 13.74
C LYS A 300 10.32 9.54 13.99
N TYR A 301 10.20 9.14 15.26
CA TYR A 301 9.73 7.79 15.56
C TYR A 301 8.30 7.59 15.08
N LEU A 302 7.43 8.56 15.36
CA LEU A 302 6.04 8.44 14.94
C LEU A 302 5.91 8.53 13.44
N GLU A 303 6.87 9.18 12.78
CA GLU A 303 6.89 9.23 11.32
C GLU A 303 7.00 7.83 10.75
N VAL A 304 7.91 7.03 11.29
CA VAL A 304 8.16 5.68 10.79
C VAL A 304 6.96 4.79 11.10
N VAL A 305 6.46 4.85 12.32
CA VAL A 305 5.34 4.00 12.71
C VAL A 305 4.12 4.31 11.85
N ALA A 306 3.84 5.60 11.65
CA ALA A 306 2.68 5.98 10.86
C ALA A 306 2.95 5.98 9.36
N LYS A 307 4.19 5.67 8.94
CA LYS A 307 4.49 5.59 7.52
C LYS A 307 3.66 4.51 6.85
N GLY A 308 3.54 3.36 7.50
CA GLY A 308 2.67 2.32 6.99
C GLY A 308 3.18 0.92 7.20
N LYS A 309 2.34 -0.06 6.87
CA LYS A 309 2.73 -1.47 6.93
C LYS A 309 3.83 -1.72 5.91
N THR A 310 4.61 -2.77 6.12
CA THR A 310 5.74 -3.11 5.25
C THR A 310 5.31 -3.10 3.79
N SER A 311 5.79 -2.10 3.05
CA SER A 311 5.44 -1.79 1.66
C SER A 311 4.27 -2.61 1.10
N ASP A 312 4.52 -3.38 0.04
CA ASP A 312 3.40 -4.07 -0.62
C ASP A 312 3.61 -5.57 -0.80
N ALA A 313 4.86 -6.01 -1.02
CA ALA A 313 5.20 -7.39 -1.37
C ALA A 313 4.70 -7.86 -2.72
N LEU A 314 5.25 -7.27 -3.80
CA LEU A 314 4.97 -7.66 -5.18
C LEU A 314 4.94 -9.17 -5.35
N SER A 315 5.82 -9.88 -4.61
CA SER A 315 6.13 -11.29 -4.77
C SER A 315 4.91 -12.15 -5.09
N LYS A 316 3.76 -11.80 -4.53
CA LYS A 316 2.53 -12.59 -4.70
C LYS A 316 2.24 -12.82 -6.18
N LEU A 317 2.56 -11.86 -7.03
CA LEU A 317 2.43 -12.05 -8.48
C LEU A 317 3.30 -13.22 -8.95
N THR A 318 4.54 -13.27 -8.48
CA THR A 318 5.43 -14.36 -8.88
C THR A 318 4.91 -15.70 -8.37
N GLU A 319 4.26 -15.71 -7.21
CA GLU A 319 3.70 -16.96 -6.70
C GLU A 319 2.51 -17.43 -7.51
N LEU A 320 1.89 -16.54 -8.28
CA LEU A 320 0.79 -16.97 -9.14
C LEU A 320 1.24 -18.00 -10.17
N ALA A 321 2.39 -17.80 -10.78
CA ALA A 321 2.95 -18.83 -11.63
C ALA A 321 3.47 -19.98 -10.77
N PRO A 322 3.32 -21.22 -11.23
CA PRO A 322 3.90 -22.34 -10.50
C PRO A 322 5.42 -22.31 -10.56
N GLU A 323 6.05 -22.82 -9.50
CA GLU A 323 7.49 -22.85 -9.42
C GLU A 323 8.13 -23.95 -10.25
N THR A 324 7.35 -24.92 -10.70
CA THR A 324 7.89 -26.08 -11.39
C THR A 324 6.82 -26.66 -12.29
N ALA A 325 7.25 -27.52 -13.21
CA ALA A 325 6.35 -28.12 -14.20
C ALA A 325 6.96 -29.42 -14.69
N CYS A 326 6.28 -30.04 -15.65
CA CYS A 326 6.74 -31.30 -16.21
C CYS A 326 7.09 -31.14 -17.69
N LEU A 327 8.32 -31.53 -18.03
CA LEU A 327 8.76 -31.54 -19.42
C LEU A 327 8.10 -32.73 -20.12
N LEU A 328 8.03 -32.71 -21.45
CA LEU A 328 7.22 -33.72 -22.12
C LEU A 328 8.03 -34.70 -22.95
N THR A 329 8.69 -34.21 -24.00
CA THR A 329 9.51 -35.04 -24.90
C THR A 329 8.88 -36.43 -25.10
N LEU A 330 7.65 -36.49 -25.59
CA LEU A 330 6.85 -37.72 -25.57
C LEU A 330 6.01 -37.87 -26.83
N ASP A 331 5.88 -39.13 -27.28
CA ASP A 331 5.15 -39.55 -28.48
C ASP A 331 5.79 -39.08 -29.78
N LYS A 332 5.63 -37.80 -30.11
CA LYS A 332 6.02 -37.27 -31.42
C LYS A 332 7.45 -37.64 -31.78
N ASP A 333 7.61 -38.37 -32.89
CA ASP A 333 8.87 -38.96 -33.38
C ASP A 333 9.96 -39.09 -32.32
N GLY A 334 10.92 -38.18 -32.30
CA GLY A 334 12.01 -38.29 -31.33
C GLY A 334 11.54 -38.14 -29.90
N ASN A 335 10.57 -37.25 -29.68
CA ASN A 335 10.02 -37.03 -28.35
C ASN A 335 9.37 -38.32 -27.84
N ALA A 336 9.96 -38.92 -26.79
CA ALA A 336 9.47 -40.25 -26.41
C ALA A 336 8.85 -40.37 -25.02
N ILE A 337 9.61 -40.12 -23.96
CA ILE A 337 9.18 -40.55 -22.62
C ILE A 337 9.38 -39.48 -21.56
N SER A 338 10.13 -38.43 -21.88
CA SER A 338 10.83 -37.64 -20.85
C SER A 338 9.85 -36.80 -20.03
N GLU A 339 9.31 -37.42 -18.99
CA GLU A 339 8.46 -36.73 -18.01
C GLU A 339 9.28 -36.28 -16.80
N THR A 340 10.13 -35.28 -17.03
CA THR A 340 10.94 -34.74 -15.95
C THR A 340 10.13 -33.74 -15.11
N GLU A 341 10.80 -33.08 -14.16
CA GLU A 341 10.11 -32.19 -13.24
C GLU A 341 10.95 -30.93 -13.09
N ILE A 342 11.45 -30.40 -14.22
CA ILE A 342 12.25 -29.20 -14.18
C ILE A 342 11.41 -28.02 -13.69
N SER A 343 12.05 -27.10 -12.98
CA SER A 343 11.37 -25.91 -12.51
C SER A 343 11.05 -24.97 -13.66
N THR A 344 10.03 -24.15 -13.46
CA THR A 344 9.54 -23.29 -14.54
C THR A 344 10.59 -22.27 -14.97
N GLN A 345 11.44 -21.83 -14.05
CA GLN A 345 12.44 -20.83 -14.38
C GLN A 345 13.39 -21.36 -15.45
N LEU A 346 13.79 -22.63 -15.34
CA LEU A 346 14.75 -23.18 -16.28
C LEU A 346 14.11 -23.48 -17.63
N LEU A 347 12.79 -23.58 -17.67
CA LEU A 347 12.09 -23.80 -18.93
C LEU A 347 12.31 -22.62 -19.86
N GLN A 348 12.55 -22.93 -21.15
CA GLN A 348 12.91 -21.89 -22.10
C GLN A 348 12.07 -21.96 -23.37
N ARG A 349 12.47 -21.17 -24.37
CA ARG A 349 11.84 -21.12 -25.67
C ARG A 349 11.89 -22.49 -26.35
N ASN A 350 10.89 -22.77 -27.19
CA ASN A 350 10.78 -24.02 -27.93
C ASN A 350 10.78 -25.23 -27.01
N ASP A 351 10.07 -25.15 -25.89
CA ASP A 351 9.93 -26.26 -24.97
C ASP A 351 8.53 -26.84 -25.09
N VAL A 352 8.32 -27.99 -24.44
CA VAL A 352 7.02 -28.66 -24.44
C VAL A 352 6.71 -29.07 -23.00
N ILE A 353 5.45 -28.85 -22.61
CA ILE A 353 5.02 -29.11 -21.23
C ILE A 353 3.76 -29.96 -21.24
N LYS A 354 3.36 -30.46 -20.07
CA LYS A 354 2.30 -31.46 -19.97
C LYS A 354 0.97 -30.84 -19.54
N ILE A 355 1.01 -30.01 -18.50
CA ILE A 355 -0.18 -29.36 -17.94
C ILE A 355 -1.20 -30.40 -17.49
N VAL A 356 -1.09 -30.83 -16.25
CA VAL A 356 -2.04 -31.76 -15.62
C VAL A 356 -3.42 -31.12 -15.63
N PRO A 357 -4.52 -31.89 -15.79
CA PRO A 357 -5.85 -31.31 -15.61
C PRO A 357 -6.01 -30.64 -14.26
N GLY A 358 -6.30 -29.34 -14.26
CA GLY A 358 -6.47 -28.60 -13.03
C GLY A 358 -5.18 -28.26 -12.32
N GLU A 359 -4.31 -27.49 -12.97
CA GLU A 359 -3.09 -27.02 -12.33
C GLU A 359 -2.64 -25.71 -12.98
N LYS A 360 -1.87 -24.91 -12.24
CA LYS A 360 -1.47 -23.60 -12.73
C LYS A 360 -0.60 -23.72 -13.98
N VAL A 361 -1.07 -23.11 -15.07
CA VAL A 361 -0.32 -23.19 -16.34
C VAL A 361 1.06 -22.60 -16.14
N PRO A 362 2.13 -23.31 -16.50
CA PRO A 362 3.49 -22.85 -16.17
C PRO A 362 3.81 -21.48 -16.72
N VAL A 363 3.75 -21.34 -18.04
CA VAL A 363 3.98 -20.08 -18.73
C VAL A 363 2.99 -19.99 -19.87
N ASP A 364 2.97 -18.86 -20.57
CA ASP A 364 2.12 -18.69 -21.73
C ASP A 364 2.69 -19.48 -22.90
N GLY A 365 1.81 -19.98 -23.74
CA GLY A 365 2.26 -20.81 -24.84
C GLY A 365 1.16 -21.06 -25.84
N VAL A 366 1.48 -21.86 -26.85
CA VAL A 366 0.54 -22.26 -27.89
C VAL A 366 0.33 -23.77 -27.79
N VAL A 367 -0.93 -24.17 -27.60
CA VAL A 367 -1.25 -25.58 -27.44
C VAL A 367 -1.01 -26.32 -28.75
N ILE A 368 -0.56 -27.58 -28.64
CA ILE A 368 -0.32 -28.42 -29.80
C ILE A 368 -1.49 -29.37 -30.02
N LYS A 369 -1.93 -30.02 -28.95
CA LYS A 369 -3.11 -30.87 -29.04
C LYS A 369 -3.80 -30.91 -27.68
N GLY A 370 -5.08 -31.26 -27.70
CA GLY A 370 -5.86 -31.32 -26.48
C GLY A 370 -6.99 -30.30 -26.45
N GLN A 371 -8.13 -30.68 -25.88
CA GLN A 371 -9.27 -29.80 -25.74
C GLN A 371 -9.54 -29.59 -24.26
N SER A 372 -9.58 -28.33 -23.84
CA SER A 372 -9.86 -28.00 -22.45
C SER A 372 -10.32 -26.56 -22.36
N HIS A 373 -10.91 -26.23 -21.21
CA HIS A 373 -11.29 -24.87 -20.88
C HIS A 373 -10.45 -24.36 -19.73
N VAL A 374 -10.06 -23.08 -19.81
CA VAL A 374 -9.14 -22.48 -18.87
C VAL A 374 -9.83 -21.35 -18.12
N ASN A 375 -9.69 -21.38 -16.80
CA ASN A 375 -10.22 -20.31 -15.95
C ASN A 375 -9.28 -19.11 -16.00
N GLU A 376 -9.14 -18.51 -17.18
CA GLU A 376 -8.22 -17.41 -17.35
C GLU A 376 -8.73 -16.17 -16.63
N SER A 377 -8.02 -15.72 -15.60
CA SER A 377 -8.37 -14.52 -14.86
C SER A 377 -7.21 -13.54 -14.81
N MET A 378 -6.29 -13.60 -15.78
CA MET A 378 -5.12 -12.76 -15.80
C MET A 378 -5.26 -11.62 -16.80
N ILE A 379 -6.20 -11.72 -17.74
CA ILE A 379 -6.44 -10.66 -18.70
C ILE A 379 -7.89 -10.22 -18.58
N THR A 380 -8.81 -11.16 -18.80
CA THR A 380 -10.23 -10.84 -18.69
C THR A 380 -10.63 -10.52 -17.26
N GLY A 381 -10.10 -11.28 -16.30
CA GLY A 381 -10.49 -11.14 -14.92
C GLY A 381 -11.82 -11.76 -14.58
N GLU A 382 -12.45 -12.44 -15.53
CA GLU A 382 -13.76 -13.05 -15.32
C GLU A 382 -13.59 -14.57 -15.38
N ALA A 383 -14.56 -15.31 -14.84
CA ALA A 383 -14.35 -16.73 -14.57
C ALA A 383 -15.02 -17.66 -15.58
N ARG A 384 -15.45 -17.14 -16.73
CA ARG A 384 -15.95 -18.02 -17.77
C ARG A 384 -14.83 -18.91 -18.28
N PRO A 385 -14.99 -20.23 -18.26
CA PRO A 385 -13.98 -21.11 -18.85
C PRO A 385 -13.86 -20.89 -20.35
N ILE A 386 -12.72 -20.35 -20.79
CA ILE A 386 -12.56 -20.05 -22.21
C ILE A 386 -12.02 -21.28 -22.93
N ALA A 387 -12.46 -21.46 -24.17
CA ALA A 387 -12.15 -22.65 -24.95
C ALA A 387 -10.71 -22.62 -25.43
N LYS A 388 -10.11 -23.82 -25.49
CA LYS A 388 -8.75 -23.98 -26.01
C LYS A 388 -8.72 -25.17 -26.95
N LYS A 389 -8.65 -24.90 -28.24
CA LYS A 389 -8.48 -25.89 -29.29
C LYS A 389 -7.04 -25.86 -29.77
N PRO A 390 -6.52 -26.98 -30.28
CA PRO A 390 -5.11 -27.00 -30.72
C PRO A 390 -4.79 -25.90 -31.72
N GLY A 391 -3.96 -24.95 -31.30
CA GLY A 391 -3.58 -23.85 -32.16
C GLY A 391 -3.57 -22.48 -31.50
N ASP A 392 -4.46 -22.26 -30.53
CA ASP A 392 -4.55 -20.95 -29.92
C ASP A 392 -3.46 -20.80 -28.86
N LYS A 393 -3.43 -19.62 -28.22
CA LYS A 393 -2.41 -19.27 -27.25
C LYS A 393 -3.02 -19.31 -25.85
N VAL A 394 -2.36 -20.04 -24.95
CA VAL A 394 -2.74 -20.08 -23.56
C VAL A 394 -1.87 -19.10 -22.79
N ILE A 395 -2.46 -18.41 -21.82
CA ILE A 395 -1.75 -17.41 -21.04
C ILE A 395 -1.25 -18.05 -19.75
N GLY A 396 -0.02 -17.71 -19.35
CA GLY A 396 0.56 -18.28 -18.15
C GLY A 396 -0.13 -17.83 -16.89
N GLY A 397 0.12 -18.53 -15.78
CA GLY A 397 -0.52 -18.22 -14.53
C GLY A 397 -2.03 -18.40 -14.57
N THR A 398 -2.48 -19.42 -15.28
CA THR A 398 -3.91 -19.71 -15.42
C THR A 398 -4.17 -21.17 -15.06
N VAL A 399 -5.44 -21.50 -14.91
CA VAL A 399 -5.86 -22.82 -14.44
C VAL A 399 -6.83 -23.41 -15.45
N ASN A 400 -6.52 -24.60 -15.96
CA ASN A 400 -7.46 -25.32 -16.81
C ASN A 400 -8.33 -26.24 -15.96
N ASP A 401 -9.36 -26.82 -16.59
CA ASP A 401 -10.21 -27.78 -15.89
C ASP A 401 -10.40 -29.07 -16.67
N ASN A 402 -10.55 -28.97 -17.99
CA ASN A 402 -11.01 -30.11 -18.77
C ASN A 402 -9.91 -30.89 -19.47
N GLY A 403 -9.03 -31.52 -18.70
CA GLY A 403 -8.09 -32.46 -19.27
C GLY A 403 -6.70 -31.88 -19.48
N CYS A 404 -5.92 -32.63 -20.26
CA CYS A 404 -4.52 -32.33 -20.49
C CYS A 404 -4.36 -31.43 -21.71
N ILE A 405 -3.43 -30.49 -21.61
CA ILE A 405 -3.16 -29.51 -22.66
C ILE A 405 -1.68 -29.56 -22.99
N ILE A 406 -1.36 -29.72 -24.27
CA ILE A 406 0.01 -29.95 -24.70
C ILE A 406 0.50 -28.72 -25.45
N VAL A 407 1.54 -28.09 -24.93
CA VAL A 407 1.88 -26.72 -25.31
C VAL A 407 3.32 -26.64 -25.79
N LYS A 408 3.55 -25.98 -26.92
CA LYS A 408 4.86 -25.46 -27.25
C LYS A 408 5.03 -24.09 -26.59
N VAL A 409 6.16 -23.89 -25.92
CA VAL A 409 6.34 -22.73 -25.07
C VAL A 409 6.62 -21.49 -25.90
N THR A 410 5.85 -20.45 -25.67
CA THR A 410 6.05 -19.13 -26.27
C THR A 410 6.91 -18.31 -25.31
N HIS A 411 6.90 -16.97 -25.40
CA HIS A 411 7.74 -16.07 -24.60
C HIS A 411 7.92 -16.57 -23.18
N VAL A 412 9.16 -16.49 -22.69
CA VAL A 412 9.49 -16.94 -21.34
C VAL A 412 10.03 -15.77 -20.54
N GLY A 413 10.31 -16.01 -19.26
CA GLY A 413 10.96 -15.03 -18.41
C GLY A 413 10.25 -13.69 -18.31
N SER A 414 10.90 -12.65 -18.82
CA SER A 414 10.43 -11.28 -18.68
C SER A 414 9.42 -10.88 -19.75
N GLU A 415 8.99 -11.82 -20.60
CA GLU A 415 8.00 -11.54 -21.63
C GLU A 415 6.69 -12.27 -21.40
N THR A 416 6.47 -12.85 -20.23
CA THR A 416 5.17 -13.45 -19.94
C THR A 416 4.20 -12.38 -19.45
N ALA A 417 2.91 -12.73 -19.44
CA ALA A 417 1.90 -11.80 -18.95
C ALA A 417 2.13 -11.44 -17.50
N LEU A 418 2.42 -12.45 -16.67
CA LEU A 418 2.75 -12.19 -15.27
C LEU A 418 3.98 -11.30 -15.16
N SER A 419 4.97 -11.54 -16.01
CA SER A 419 6.15 -10.69 -16.04
C SER A 419 5.75 -9.23 -16.27
N GLN A 420 4.97 -8.98 -17.33
CA GLN A 420 4.56 -7.62 -17.65
C GLN A 420 3.81 -6.99 -16.48
N ILE A 421 2.93 -7.76 -15.83
CA ILE A 421 2.25 -7.25 -14.64
C ILE A 421 3.27 -6.84 -13.59
N VAL A 422 4.32 -7.64 -13.43
CA VAL A 422 5.35 -7.37 -12.43
C VAL A 422 6.06 -6.06 -12.73
N GLN A 423 6.52 -5.88 -13.97
CA GLN A 423 7.18 -4.62 -14.29
C GLN A 423 6.26 -3.42 -14.15
N LEU A 424 5.00 -3.54 -14.59
CA LEU A 424 4.08 -2.42 -14.46
C LEU A 424 3.86 -2.05 -13.00
N VAL A 425 3.61 -3.04 -12.14
CA VAL A 425 3.36 -2.71 -10.74
C VAL A 425 4.62 -2.18 -10.07
N GLU A 426 5.79 -2.73 -10.41
CA GLU A 426 7.04 -2.24 -9.84
C GLU A 426 7.29 -0.80 -10.24
N ALA A 427 7.10 -0.47 -11.52
CA ALA A 427 7.30 0.89 -11.99
C ALA A 427 6.32 1.85 -11.33
N ALA A 428 5.05 1.44 -11.22
CA ALA A 428 4.06 2.30 -10.59
C ALA A 428 4.40 2.56 -9.13
N GLN A 429 4.82 1.52 -8.42
CA GLN A 429 5.14 1.68 -7.00
C GLN A 429 6.41 2.48 -6.79
N LEU A 430 7.40 2.28 -7.64
CA LEU A 430 8.70 2.92 -7.51
C LEU A 430 8.67 4.37 -7.99
N ALA A 431 7.59 4.75 -8.66
CA ALA A 431 7.45 6.12 -9.15
C ALA A 431 6.53 6.92 -8.25
N ARG A 432 6.00 6.30 -7.19
CA ARG A 432 5.16 7.03 -6.25
C ARG A 432 6.03 7.94 -5.39
N ALA A 433 6.18 9.19 -5.81
CA ALA A 433 7.00 10.14 -5.08
C ALA A 433 6.34 10.50 -3.75
N PRO A 434 7.11 10.59 -2.68
CA PRO A 434 6.55 10.99 -1.38
C PRO A 434 6.07 12.44 -1.41
N VAL A 435 5.01 12.69 -0.66
CA VAL A 435 4.42 14.03 -0.59
C VAL A 435 5.32 14.92 0.24
N GLN A 436 5.34 16.21 -0.08
CA GLN A 436 6.12 17.20 0.66
C GLN A 436 5.37 17.53 1.94
N LYS A 437 5.91 17.09 3.07
CA LYS A 437 5.33 17.40 4.37
C LYS A 437 5.27 18.90 4.55
N LEU A 438 4.12 19.40 5.02
CA LEU A 438 3.94 20.84 5.17
C LEU A 438 4.86 21.38 6.26
N ALA A 439 5.42 20.49 7.10
CA ALA A 439 6.42 20.90 8.07
C ALA A 439 7.61 21.54 7.35
N ASP A 440 8.05 20.93 6.26
CA ASP A 440 9.10 21.52 5.45
C ASP A 440 8.64 22.84 4.83
N ARG A 441 7.40 22.88 4.34
CA ARG A 441 6.87 24.12 3.79
C ARG A 441 6.77 25.19 4.86
N ILE A 442 6.28 24.83 6.05
CA ILE A 442 6.20 25.80 7.14
C ILE A 442 7.59 26.26 7.54
N SER A 443 8.52 25.32 7.68
CA SER A 443 9.87 25.67 8.10
C SER A 443 10.60 26.43 7.00
N ARG A 444 10.11 26.36 5.76
CA ARG A 444 10.76 27.06 4.66
C ARG A 444 10.67 28.57 4.89
N PHE A 445 9.54 29.04 5.39
CA PHE A 445 9.34 30.45 5.67
C PHE A 445 9.55 30.79 7.14
N PHE A 446 9.20 29.87 8.05
CA PHE A 446 9.20 30.19 9.47
C PHE A 446 10.59 30.47 9.98
N VAL A 447 11.58 29.71 9.53
CA VAL A 447 12.96 29.90 9.98
C VAL A 447 13.45 31.29 9.58
N PRO A 448 13.23 31.76 8.34
CA PRO A 448 13.56 33.16 8.05
C PRO A 448 12.84 34.14 8.96
N THR A 449 11.59 33.85 9.32
CA THR A 449 10.81 34.77 10.14
C THR A 449 11.45 34.94 11.51
N VAL A 450 11.89 33.85 12.12
CA VAL A 450 12.48 33.89 13.44
C VAL A 450 13.75 34.72 13.42
N VAL A 451 14.58 34.51 12.41
CA VAL A 451 15.86 35.22 12.35
C VAL A 451 15.64 36.71 12.14
N VAL A 452 14.65 37.07 11.32
CA VAL A 452 14.39 38.48 11.05
C VAL A 452 13.56 39.04 12.20
N ALA A 453 13.17 38.17 13.12
CA ALA A 453 12.51 38.66 14.33
C ALA A 453 13.48 38.79 15.49
N ALA A 454 14.37 37.82 15.68
CA ALA A 454 15.38 37.95 16.73
C ALA A 454 16.30 39.12 16.44
N PHE A 455 16.71 39.28 15.18
CA PHE A 455 17.60 40.38 14.83
C PHE A 455 16.95 41.72 15.09
N LEU A 456 15.68 41.87 14.71
CA LEU A 456 14.97 43.10 15.01
C LEU A 456 14.81 43.28 16.51
N THR A 457 14.60 42.19 17.24
CA THR A 457 14.58 42.28 18.69
C THR A 457 15.92 42.77 19.22
N TRP A 458 17.02 42.26 18.67
CA TRP A 458 18.33 42.80 19.01
C TRP A 458 18.48 44.23 18.51
N LEU A 459 18.02 44.50 17.29
CA LEU A 459 18.05 45.86 16.78
C LEU A 459 17.05 46.76 17.49
N GLY A 460 16.44 46.25 18.56
CA GLY A 460 15.56 47.01 19.42
C GLY A 460 16.32 47.45 20.64
N TRP A 461 16.24 46.64 21.70
CA TRP A 461 16.87 46.91 22.98
C TRP A 461 18.27 47.51 22.85
N PHE A 462 19.05 47.05 21.88
CA PHE A 462 20.40 47.59 21.70
C PHE A 462 20.37 49.08 21.37
N VAL A 463 19.62 49.47 20.35
CA VAL A 463 19.58 50.87 19.97
C VAL A 463 18.87 51.69 21.04
N ALA A 464 17.98 51.06 21.79
CA ALA A 464 17.39 51.70 22.95
C ALA A 464 18.38 51.88 24.08
N GLY A 465 19.54 51.24 24.01
CA GLY A 465 20.58 51.42 25.01
C GLY A 465 21.51 52.56 24.67
N GLN A 466 21.81 52.72 23.39
CA GLN A 466 22.69 53.82 22.98
C GLN A 466 22.08 55.17 23.29
N PHE A 467 20.78 55.34 23.02
CA PHE A 467 20.08 56.59 23.27
C PHE A 467 19.35 56.58 24.61
N ASP A 468 19.51 55.51 25.39
CA ASP A 468 19.05 55.45 26.77
C ASP A 468 17.56 55.69 26.94
N ILE A 469 16.75 55.24 25.98
CA ILE A 469 15.30 55.38 26.12
C ILE A 469 14.82 54.57 27.33
N TYR A 470 15.21 53.31 27.39
CA TYR A 470 14.78 52.45 28.48
C TYR A 470 15.59 52.77 29.73
N PRO A 471 14.96 52.81 30.91
CA PRO A 471 15.68 53.17 32.13
C PRO A 471 16.83 52.23 32.45
N ARG A 472 17.90 52.76 33.03
CA ARG A 472 19.10 51.99 33.33
C ARG A 472 18.83 50.84 34.28
N GLU A 473 17.95 51.04 35.26
CA GLU A 473 17.74 50.02 36.28
C GLU A 473 17.10 48.75 35.72
N TRP A 474 16.57 48.80 34.49
CA TRP A 474 16.01 47.59 33.90
C TRP A 474 17.07 46.54 33.64
N ILE A 475 18.30 46.96 33.35
CA ILE A 475 19.36 46.01 33.04
C ILE A 475 19.66 45.15 34.26
N PRO A 476 19.87 43.86 34.12
CA PRO A 476 20.17 43.00 35.27
C PRO A 476 21.60 43.23 35.74
N LYS A 477 21.93 42.61 36.87
CA LYS A 477 23.23 42.80 37.50
C LYS A 477 24.34 42.29 36.60
N ALA A 478 25.43 43.05 36.57
CA ALA A 478 26.65 42.67 35.86
C ALA A 478 26.38 42.39 34.38
N MET A 479 25.54 43.20 33.75
CA MET A 479 25.27 43.05 32.33
C MET A 479 25.37 44.40 31.64
N ASP A 480 25.79 44.38 30.37
CA ASP A 480 25.90 45.57 29.55
C ASP A 480 24.74 45.57 28.56
N SER A 481 24.40 46.76 28.06
CA SER A 481 23.29 46.94 27.12
C SER A 481 23.28 45.88 26.03
N PHE A 482 24.46 45.51 25.54
CA PHE A 482 24.57 44.44 24.56
C PHE A 482 24.03 43.13 25.10
N GLU A 483 24.38 42.82 26.36
CA GLU A 483 23.95 41.57 26.96
C GLU A 483 22.44 41.52 27.12
N LEU A 484 21.84 42.64 27.52
CA LEU A 484 20.39 42.69 27.66
C LEU A 484 19.71 42.47 26.32
N ALA A 485 20.24 43.06 25.25
CA ALA A 485 19.71 42.81 23.93
C ALA A 485 19.87 41.34 23.55
N LEU A 486 21.02 40.76 23.86
CA LEU A 486 21.24 39.34 23.58
C LEU A 486 20.28 38.47 24.37
N GLN A 487 20.06 38.79 25.64
CA GLN A 487 19.13 38.02 26.44
C GLN A 487 17.74 38.00 25.81
N PHE A 488 17.31 39.15 25.28
CA PHE A 488 16.00 39.21 24.64
C PHE A 488 16.06 38.61 23.25
N GLY A 489 17.14 38.85 22.51
CA GLY A 489 17.28 38.33 21.16
C GLY A 489 17.37 36.82 21.09
N ILE A 490 18.22 36.23 21.94
CA ILE A 490 18.33 34.78 21.97
C ILE A 490 17.04 34.16 22.47
N SER A 491 16.34 34.88 23.36
CA SER A 491 15.07 34.39 23.87
C SER A 491 14.07 34.16 22.74
N VAL A 492 14.08 35.02 21.72
CA VAL A 492 13.17 34.86 20.60
C VAL A 492 13.42 33.53 19.90
N LEU A 493 14.69 33.21 19.66
CA LEU A 493 15.02 31.97 18.96
C LEU A 493 14.54 30.75 19.73
N VAL A 494 14.72 30.75 21.05
CA VAL A 494 14.39 29.57 21.86
C VAL A 494 12.89 29.33 21.86
N VAL A 495 12.11 30.38 22.13
CA VAL A 495 10.66 30.20 22.24
C VAL A 495 10.04 29.95 20.87
N ALA A 496 10.60 30.52 19.81
CA ALA A 496 9.97 30.43 18.51
C ALA A 496 10.00 29.02 17.96
N CYS A 497 10.96 28.20 18.41
CA CYS A 497 11.04 26.83 17.93
C CYS A 497 9.76 26.09 18.27
N PRO A 498 9.11 25.47 17.28
CA PRO A 498 7.75 24.97 17.49
C PRO A 498 7.65 23.65 18.24
N CYS A 499 8.78 22.97 18.48
CA CYS A 499 8.80 21.76 19.29
C CYS A 499 7.92 20.69 18.69
N ALA A 500 6.64 20.69 19.05
CA ALA A 500 5.70 19.67 18.58
C ALA A 500 5.20 19.97 17.18
N LEU A 501 6.12 20.18 16.24
CA LEU A 501 5.75 20.31 14.83
C LEU A 501 5.87 19.00 14.08
N GLY A 502 6.86 18.18 14.42
CA GLY A 502 6.95 16.83 13.89
C GLY A 502 5.75 16.01 14.31
N LEU A 503 5.30 16.21 15.55
CA LEU A 503 4.09 15.57 16.04
C LEU A 503 2.85 16.32 15.57
N ALA A 504 2.66 16.45 14.27
CA ALA A 504 1.39 17.02 13.81
C ALA A 504 0.72 16.14 12.76
N THR A 505 1.49 15.63 11.80
CA THR A 505 0.97 14.65 10.87
C THR A 505 1.01 13.24 11.49
N PRO A 506 2.16 12.75 11.97
CA PRO A 506 2.19 11.39 12.53
C PRO A 506 1.61 11.28 13.91
N THR A 507 1.44 12.38 14.65
CA THR A 507 0.85 12.31 15.98
C THR A 507 -0.59 11.85 15.92
N ALA A 508 -1.25 12.01 14.77
CA ALA A 508 -2.55 11.40 14.56
C ALA A 508 -2.42 9.89 14.44
N VAL A 509 -1.18 9.38 14.36
CA VAL A 509 -0.85 7.98 14.07
C VAL A 509 -1.80 7.50 12.98
N MET A 510 -2.26 8.45 12.16
CA MET A 510 -3.38 8.25 11.27
C MET A 510 -4.51 7.56 12.02
N VAL A 511 -5.15 8.26 12.98
CA VAL A 511 -6.26 7.71 13.75
C VAL A 511 -7.25 7.03 12.80
N ALA A 512 -7.33 7.52 11.56
CA ALA A 512 -8.08 6.84 10.52
C ALA A 512 -7.63 5.38 10.44
N THR A 513 -6.32 5.14 10.45
CA THR A 513 -5.83 3.78 10.63
C THR A 513 -6.09 3.42 12.09
N GLY A 514 -7.28 2.91 12.37
CA GLY A 514 -7.87 3.03 13.68
C GLY A 514 -9.38 3.01 13.51
N LYS A 515 -10.05 4.09 13.94
CA LYS A 515 -11.46 4.28 13.69
C LYS A 515 -11.89 3.82 12.30
N GLY A 516 -11.08 4.11 11.29
CA GLY A 516 -11.37 3.67 9.94
C GLY A 516 -11.45 2.16 9.82
N ALA A 517 -10.58 1.45 10.54
CA ALA A 517 -10.63 -0.01 10.53
C ALA A 517 -11.96 -0.50 11.07
N SER A 518 -12.46 0.14 12.13
CA SER A 518 -13.78 -0.19 12.65
C SER A 518 -14.85 0.10 11.61
N GLN A 519 -14.70 1.21 10.89
CA GLN A 519 -15.66 1.55 9.85
C GLN A 519 -15.61 0.55 8.70
N GLY A 520 -14.48 -0.12 8.52
CA GLY A 520 -14.34 -1.10 7.47
C GLY A 520 -13.32 -0.70 6.43
N VAL A 521 -12.38 0.15 6.83
CA VAL A 521 -11.36 0.65 5.91
C VAL A 521 -10.00 0.52 6.57
N LEU A 522 -9.10 -0.23 5.95
CA LEU A 522 -7.75 -0.43 6.47
C LEU A 522 -6.79 0.32 5.55
N ILE A 523 -6.22 1.40 6.07
CA ILE A 523 -5.29 2.20 5.29
C ILE A 523 -3.90 1.60 5.45
N LYS A 524 -3.27 1.25 4.34
CA LYS A 524 -1.94 0.65 4.36
C LYS A 524 -0.86 1.72 4.24
N GLY A 525 -0.95 2.71 5.14
CA GLY A 525 0.04 3.76 5.18
C GLY A 525 -0.57 5.06 5.68
N GLY A 526 0.09 6.15 5.35
CA GLY A 526 -0.42 7.48 5.62
C GLY A 526 -0.50 8.28 4.33
N ASN A 527 0.33 7.88 3.36
CA ASN A 527 0.33 8.51 2.05
C ASN A 527 -1.03 8.36 1.38
N ALA A 528 -1.66 7.20 1.58
CA ALA A 528 -2.99 6.95 1.04
C ALA A 528 -3.98 7.96 1.58
N LEU A 529 -3.97 8.16 2.89
CA LEU A 529 -4.88 9.11 3.51
C LEU A 529 -4.60 10.52 3.02
N GLU A 530 -3.31 10.85 2.88
CA GLU A 530 -2.95 12.19 2.44
C GLU A 530 -3.46 12.47 1.03
N LYS A 531 -3.30 11.51 0.13
CA LYS A 531 -3.72 11.74 -1.26
C LYS A 531 -5.18 11.43 -1.51
N ALA A 532 -5.94 10.76 -0.64
CA ALA A 532 -7.31 10.39 -0.97
C ALA A 532 -8.32 11.52 -0.83
N HIS A 533 -7.96 12.61 -0.15
CA HIS A 533 -8.93 13.68 0.05
C HIS A 533 -9.18 14.43 -1.25
N LYS A 534 -8.16 14.59 -2.08
CA LYS A 534 -8.24 15.33 -3.32
C LYS A 534 -8.70 14.47 -4.48
N VAL A 535 -9.30 13.32 -4.20
CA VAL A 535 -9.76 12.43 -5.26
C VAL A 535 -10.93 13.08 -5.97
N LYS A 536 -10.86 13.11 -7.28
CA LYS A 536 -11.91 13.74 -8.02
C LYS A 536 -12.45 12.80 -9.03
N ALA A 537 -11.76 11.73 -9.26
CA ALA A 537 -12.28 10.75 -10.16
C ALA A 537 -11.95 9.36 -9.71
N ILE A 538 -12.82 8.41 -9.94
CA ILE A 538 -12.54 7.12 -9.42
C ILE A 538 -12.97 6.07 -10.42
N ILE A 539 -12.09 5.15 -10.76
CA ILE A 539 -12.34 4.10 -11.74
C ILE A 539 -12.94 2.91 -11.02
N PHE A 540 -13.63 2.03 -11.72
CA PHE A 540 -14.29 0.92 -11.06
C PHE A 540 -14.29 -0.33 -11.91
N ASP A 541 -13.92 -1.46 -11.34
CA ASP A 541 -13.94 -2.71 -12.06
C ASP A 541 -15.32 -3.19 -12.01
N LYS A 542 -15.76 -3.93 -12.98
CA LYS A 542 -17.14 -4.28 -12.92
C LYS A 542 -17.26 -5.50 -12.15
N THR A 543 -16.71 -6.54 -12.69
CA THR A 543 -16.86 -7.84 -12.05
C THR A 543 -16.12 -7.89 -10.73
N GLY A 544 -16.85 -8.15 -9.64
CA GLY A 544 -16.24 -8.25 -8.33
C GLY A 544 -16.32 -6.95 -7.55
N THR A 545 -16.06 -5.83 -8.21
CA THR A 545 -16.07 -4.54 -7.54
C THR A 545 -17.44 -3.88 -7.63
N LEU A 546 -17.92 -3.60 -8.84
CA LEU A 546 -19.26 -3.04 -8.99
C LEU A 546 -20.30 -4.13 -8.80
N THR A 547 -20.19 -5.18 -9.58
CA THR A 547 -21.06 -6.33 -9.46
C THR A 547 -20.44 -7.38 -8.55
N VAL A 548 -21.28 -8.28 -8.04
CA VAL A 548 -20.83 -9.28 -7.08
C VAL A 548 -19.83 -10.22 -7.73
N GLY A 549 -20.17 -10.72 -8.92
CA GLY A 549 -19.24 -11.55 -9.66
C GLY A 549 -19.72 -12.97 -9.86
N LYS A 550 -20.27 -13.58 -8.82
CA LYS A 550 -20.79 -14.93 -8.95
C LYS A 550 -22.21 -14.86 -9.52
N PRO A 551 -22.46 -15.48 -10.68
CA PRO A 551 -23.77 -15.32 -11.33
C PRO A 551 -24.92 -15.76 -10.45
N SER A 552 -26.05 -15.07 -10.59
CA SER A 552 -27.24 -15.36 -9.81
C SER A 552 -28.44 -15.30 -10.73
N VAL A 553 -29.46 -16.11 -10.44
CA VAL A 553 -30.67 -16.08 -11.26
C VAL A 553 -31.69 -15.19 -10.57
N VAL A 554 -31.84 -13.96 -11.08
CA VAL A 554 -32.61 -12.95 -10.36
C VAL A 554 -33.90 -12.54 -11.07
N GLN A 555 -33.80 -12.10 -12.33
CA GLN A 555 -34.98 -11.60 -13.04
C GLN A 555 -35.67 -12.77 -13.74
N THR A 556 -36.49 -13.47 -12.96
CA THR A 556 -36.98 -14.78 -13.35
C THR A 556 -38.42 -14.72 -13.85
N LYS A 557 -38.83 -15.81 -14.50
CA LYS A 557 -40.18 -15.96 -15.05
C LYS A 557 -40.58 -17.42 -14.90
N VAL A 558 -41.60 -17.86 -15.65
CA VAL A 558 -42.08 -19.23 -15.64
C VAL A 558 -41.66 -19.81 -17.00
N PHE A 559 -41.91 -21.10 -17.24
CA PHE A 559 -41.60 -21.73 -18.52
C PHE A 559 -42.19 -23.12 -18.67
N SER A 560 -41.39 -24.18 -18.49
CA SER A 560 -41.83 -25.55 -18.75
C SER A 560 -43.18 -25.89 -18.13
N LYS A 561 -43.88 -26.87 -18.71
CA LYS A 561 -45.26 -27.15 -18.33
C LYS A 561 -45.33 -27.88 -16.99
N ILE A 562 -44.66 -27.34 -15.98
CA ILE A 562 -44.67 -27.83 -14.60
C ILE A 562 -44.59 -26.60 -13.70
N PRO A 563 -45.04 -26.68 -12.45
CA PRO A 563 -45.05 -25.48 -11.58
C PRO A 563 -43.67 -24.86 -11.45
N LEU A 564 -43.66 -23.56 -11.15
CA LEU A 564 -42.43 -22.79 -10.97
C LEU A 564 -41.51 -23.46 -9.96
N LEU A 565 -42.07 -23.84 -8.81
CA LEU A 565 -41.31 -24.62 -7.84
C LEU A 565 -40.84 -25.92 -8.46
N GLU A 566 -41.73 -26.60 -9.19
CA GLU A 566 -41.33 -27.84 -9.86
C GLU A 566 -40.37 -27.56 -11.02
N LEU A 567 -40.52 -26.39 -11.66
CA LEU A 567 -39.54 -25.95 -12.64
C LEU A 567 -38.14 -26.02 -12.06
N CYS A 568 -37.91 -25.26 -10.99
CA CYS A 568 -36.57 -25.22 -10.40
C CYS A 568 -36.21 -26.54 -9.74
N ASP A 569 -37.20 -27.31 -9.29
CA ASP A 569 -36.93 -28.62 -8.72
C ASP A 569 -36.31 -29.54 -9.75
N LEU A 570 -36.95 -29.66 -10.91
CA LEU A 570 -36.40 -30.49 -11.98
C LEU A 570 -35.08 -29.92 -12.50
N ALA A 571 -34.98 -28.59 -12.58
CA ALA A 571 -33.72 -27.99 -13.00
C ALA A 571 -32.57 -28.41 -12.08
N ALA A 572 -32.75 -28.22 -10.77
CA ALA A 572 -31.73 -28.60 -9.80
C ALA A 572 -31.45 -30.09 -9.84
N GLY A 573 -32.50 -30.89 -10.07
CA GLY A 573 -32.31 -32.32 -10.25
C GLY A 573 -31.36 -32.60 -11.38
N ALA A 574 -31.52 -31.87 -12.49
CA ALA A 574 -30.56 -31.97 -13.58
C ALA A 574 -29.19 -31.41 -13.22
N GLU A 575 -29.11 -30.58 -12.17
CA GLU A 575 -27.86 -29.92 -11.82
C GLU A 575 -27.06 -30.68 -10.77
N ALA A 576 -27.41 -31.93 -10.50
CA ALA A 576 -26.71 -32.72 -9.48
C ALA A 576 -25.28 -33.01 -9.90
N ASN A 577 -25.10 -33.70 -11.03
CA ASN A 577 -23.76 -33.97 -11.53
C ASN A 577 -23.11 -32.71 -12.09
N SER A 578 -23.92 -31.81 -12.64
CA SER A 578 -23.39 -30.56 -13.17
C SER A 578 -22.83 -29.69 -12.05
N GLU A 579 -21.60 -29.22 -12.24
CA GLU A 579 -20.93 -28.40 -11.22
C GLU A 579 -20.41 -27.11 -11.84
N HIS A 580 -21.26 -26.44 -12.63
CA HIS A 580 -20.87 -25.25 -13.39
C HIS A 580 -21.24 -24.00 -12.62
N PRO A 581 -20.60 -22.86 -12.87
CA PRO A 581 -21.06 -21.60 -12.26
C PRO A 581 -22.56 -21.38 -12.39
N LEU A 582 -23.10 -21.52 -13.61
CA LEU A 582 -24.53 -21.40 -13.80
C LEU A 582 -25.29 -22.48 -13.03
N SER A 583 -24.67 -23.65 -12.85
CA SER A 583 -25.29 -24.66 -11.99
C SER A 583 -25.45 -24.15 -10.57
N LYS A 584 -24.40 -23.51 -10.05
CA LYS A 584 -24.46 -22.94 -8.71
C LYS A 584 -25.53 -21.85 -8.63
N ALA A 585 -25.60 -21.01 -9.66
CA ALA A 585 -26.61 -19.96 -9.70
C ALA A 585 -28.03 -20.54 -9.74
N ILE A 586 -28.24 -21.58 -10.53
CA ILE A 586 -29.54 -22.23 -10.60
C ILE A 586 -29.91 -22.82 -9.25
N VAL A 587 -28.93 -23.44 -8.59
CA VAL A 587 -29.18 -24.00 -7.26
C VAL A 587 -29.55 -22.91 -6.27
N GLU A 588 -28.87 -21.76 -6.34
CA GLU A 588 -29.15 -20.67 -5.42
C GLU A 588 -30.53 -20.08 -5.66
N TYR A 589 -30.91 -19.90 -6.93
CA TYR A 589 -32.26 -19.44 -7.23
C TYR A 589 -33.29 -20.46 -6.76
N THR A 590 -32.96 -21.75 -6.92
CA THR A 590 -33.84 -22.79 -6.42
C THR A 590 -34.04 -22.66 -4.92
N LYS A 591 -32.96 -22.42 -4.18
CA LYS A 591 -33.07 -22.21 -2.74
C LYS A 591 -33.93 -21.00 -2.42
N LYS A 592 -33.74 -19.91 -3.16
CA LYS A 592 -34.56 -18.72 -2.95
C LYS A 592 -36.04 -18.99 -3.19
N LEU A 593 -36.38 -19.77 -4.22
CA LEU A 593 -37.78 -20.12 -4.44
C LEU A 593 -38.29 -21.15 -3.44
N ARG A 594 -37.43 -22.03 -2.92
CA ARG A 594 -37.86 -22.92 -1.85
C ARG A 594 -38.24 -22.11 -0.64
N GLU A 595 -37.47 -21.05 -0.36
CA GLU A 595 -37.88 -20.06 0.64
C GLU A 595 -39.21 -19.44 0.26
N GLN A 596 -39.37 -19.05 -1.01
CA GLN A 596 -40.65 -18.54 -1.48
C GLN A 596 -41.74 -19.59 -1.38
N TYR A 597 -41.41 -20.84 -1.74
CA TYR A 597 -42.37 -21.94 -1.72
C TYR A 597 -42.22 -22.73 -0.41
N GLY A 598 -42.48 -22.05 0.70
CA GLY A 598 -42.34 -22.69 2.00
C GLY A 598 -40.89 -22.90 2.39
N SER A 599 -40.44 -24.15 2.36
CA SER A 599 -39.04 -24.48 2.62
C SER A 599 -38.61 -25.50 1.57
N HIS A 600 -37.43 -26.08 1.77
CA HIS A 600 -36.91 -27.10 0.84
C HIS A 600 -37.48 -28.47 1.24
N SER A 601 -38.77 -28.63 0.96
CA SER A 601 -39.43 -29.93 1.13
C SER A 601 -38.79 -30.97 0.22
N ASP A 602 -38.69 -32.20 0.73
CA ASP A 602 -38.07 -33.34 0.07
C ASP A 602 -36.76 -32.98 -0.62
N HIS A 603 -36.46 -33.64 -1.74
CA HIS A 603 -35.18 -33.42 -2.41
C HIS A 603 -35.31 -33.90 -3.86
N ILE A 604 -34.17 -34.06 -4.54
CA ILE A 604 -34.11 -34.47 -5.94
C ILE A 604 -33.33 -35.77 -6.03
N MET A 605 -33.16 -36.28 -7.25
CA MET A 605 -32.31 -37.45 -7.51
C MET A 605 -31.33 -37.10 -8.63
N GLU A 606 -30.36 -37.97 -8.84
CA GLU A 606 -29.19 -37.64 -9.66
C GLU A 606 -29.59 -37.38 -11.11
N SER A 607 -28.63 -36.86 -11.88
CA SER A 607 -28.87 -36.50 -13.27
C SER A 607 -28.95 -37.75 -14.13
N LYS A 608 -30.08 -38.46 -14.07
CA LYS A 608 -30.29 -39.64 -14.90
C LYS A 608 -30.16 -39.27 -16.38
N ASP A 609 -29.49 -40.13 -17.14
CA ASP A 609 -29.25 -39.91 -18.56
C ASP A 609 -28.69 -38.51 -18.80
N PHE A 610 -27.47 -38.31 -18.29
CA PHE A 610 -26.85 -36.99 -18.32
C PHE A 610 -26.50 -36.67 -19.77
N GLU A 611 -27.42 -35.99 -20.45
CA GLU A 611 -27.50 -35.94 -21.91
C GLU A 611 -26.82 -34.70 -22.50
N VAL A 612 -26.23 -33.85 -21.66
CA VAL A 612 -25.74 -32.53 -22.02
C VAL A 612 -25.01 -32.54 -23.36
N HIS A 613 -25.33 -31.58 -24.21
CA HIS A 613 -24.71 -31.47 -25.52
C HIS A 613 -23.82 -30.23 -25.57
N PRO A 614 -22.80 -30.21 -26.42
CA PRO A 614 -21.93 -29.04 -26.51
C PRO A 614 -22.72 -27.78 -26.80
N GLY A 615 -22.49 -26.76 -25.96
CA GLY A 615 -23.21 -25.51 -26.10
C GLY A 615 -24.61 -25.56 -25.52
N ALA A 616 -25.32 -26.67 -25.80
CA ALA A 616 -26.74 -26.83 -25.46
C ALA A 616 -27.08 -26.41 -24.04
N GLY A 617 -26.53 -27.10 -23.05
CA GLY A 617 -26.88 -26.82 -21.67
C GLY A 617 -26.90 -28.05 -20.79
N VAL A 618 -27.83 -28.12 -19.85
CA VAL A 618 -27.90 -29.20 -18.87
C VAL A 618 -29.13 -30.03 -19.18
N SER A 619 -28.92 -31.28 -19.58
CA SER A 619 -30.01 -32.20 -19.89
C SER A 619 -29.88 -33.48 -19.08
N ALA A 620 -31.00 -33.97 -18.56
CA ALA A 620 -31.01 -35.17 -17.72
C ALA A 620 -32.40 -35.78 -17.65
N ASN A 621 -32.48 -37.07 -17.30
CA ASN A 621 -33.75 -37.78 -17.22
C ASN A 621 -34.15 -37.95 -15.76
N VAL A 622 -33.92 -36.91 -14.95
CA VAL A 622 -34.18 -36.92 -13.52
C VAL A 622 -35.63 -37.29 -13.24
N GLU A 623 -35.84 -38.25 -12.33
CA GLU A 623 -37.17 -38.67 -11.91
C GLU A 623 -38.00 -39.16 -13.11
N GLY A 624 -37.33 -39.82 -14.04
CA GLY A 624 -38.00 -40.27 -15.25
C GLY A 624 -38.50 -39.15 -16.12
N LYS A 625 -37.89 -37.97 -16.04
CA LYS A 625 -38.30 -36.79 -16.79
C LYS A 625 -37.07 -36.25 -17.52
N LEU A 626 -37.05 -36.42 -18.85
CA LEU A 626 -35.90 -35.99 -19.63
C LEU A 626 -35.89 -34.48 -19.78
N VAL A 627 -35.36 -33.79 -18.77
CA VAL A 627 -35.34 -32.33 -18.76
C VAL A 627 -34.21 -31.82 -19.64
N LEU A 628 -34.38 -30.59 -20.15
CA LEU A 628 -33.45 -30.05 -21.13
C LEU A 628 -33.02 -28.61 -20.82
N VAL A 629 -32.62 -28.31 -19.59
CA VAL A 629 -32.22 -26.95 -19.25
C VAL A 629 -31.06 -26.52 -20.13
N GLY A 630 -31.28 -25.52 -20.99
CA GLY A 630 -30.27 -25.14 -21.95
C GLY A 630 -30.74 -24.16 -23.02
N ASN A 631 -30.11 -24.22 -24.20
CA ASN A 631 -30.36 -23.25 -25.27
C ASN A 631 -30.96 -23.93 -26.49
N LYS A 632 -31.01 -23.17 -27.58
CA LYS A 632 -31.73 -23.53 -28.81
C LYS A 632 -31.34 -24.90 -29.33
N ARG A 633 -30.07 -25.28 -29.22
CA ARG A 633 -29.65 -26.60 -29.68
C ARG A 633 -30.38 -27.67 -28.88
N LEU A 634 -30.51 -27.47 -27.57
CA LEU A 634 -31.13 -28.48 -26.73
C LEU A 634 -32.65 -28.40 -26.79
N MET A 635 -33.20 -27.23 -27.11
CA MET A 635 -34.63 -27.14 -27.39
C MET A 635 -34.99 -27.89 -28.66
N GLN A 636 -34.27 -27.62 -29.74
CA GLN A 636 -34.54 -28.30 -31.01
C GLN A 636 -34.07 -29.75 -30.98
N GLU A 637 -33.29 -30.14 -29.96
CA GLU A 637 -33.00 -31.54 -29.75
C GLU A 637 -34.29 -32.32 -29.50
N PHE A 638 -35.21 -31.76 -28.73
CA PHE A 638 -36.55 -32.29 -28.59
C PHE A 638 -37.59 -31.43 -29.31
N GLU A 639 -37.14 -30.50 -30.16
CA GLU A 639 -38.01 -29.68 -30.99
C GLU A 639 -38.97 -28.85 -30.13
N VAL A 640 -38.38 -27.96 -29.35
CA VAL A 640 -39.11 -26.98 -28.55
C VAL A 640 -39.04 -25.63 -29.28
N PRO A 641 -40.17 -25.13 -29.76
CA PRO A 641 -40.15 -23.91 -30.60
C PRO A 641 -39.52 -22.71 -29.93
N ILE A 642 -38.74 -21.94 -30.71
CA ILE A 642 -38.14 -20.72 -30.20
C ILE A 642 -39.10 -19.56 -30.44
N SER A 643 -39.41 -18.82 -29.38
CA SER A 643 -40.41 -17.76 -29.46
C SER A 643 -39.94 -16.54 -28.69
N SER A 644 -40.87 -15.60 -28.43
CA SER A 644 -40.66 -14.25 -27.91
C SER A 644 -39.92 -14.20 -26.58
N GLU A 645 -39.73 -15.30 -25.86
CA GLU A 645 -38.96 -15.25 -24.62
C GLU A 645 -37.48 -15.56 -24.85
N VAL A 646 -37.14 -16.16 -25.98
CA VAL A 646 -35.77 -16.22 -26.47
C VAL A 646 -35.51 -14.84 -27.09
N GLU A 647 -36.55 -14.01 -27.08
CA GLU A 647 -36.46 -12.63 -27.54
C GLU A 647 -36.83 -11.67 -26.41
N GLY A 648 -36.64 -12.06 -25.16
CA GLY A 648 -37.04 -11.22 -24.06
C GLY A 648 -36.21 -11.23 -22.79
N HIS A 649 -35.05 -11.91 -22.77
CA HIS A 649 -34.31 -12.00 -21.51
C HIS A 649 -32.78 -11.92 -21.63
N MET A 650 -32.24 -11.34 -22.70
CA MET A 650 -30.82 -10.95 -22.72
C MET A 650 -30.66 -9.73 -23.62
N SER A 651 -29.45 -9.51 -24.14
CA SER A 651 -29.11 -8.34 -24.94
C SER A 651 -28.95 -7.12 -24.04
N GLU A 652 -30.04 -6.42 -23.74
CA GLU A 652 -29.93 -5.35 -22.76
C GLU A 652 -29.49 -5.94 -21.43
N THR A 653 -30.40 -6.61 -20.73
CA THR A 653 -30.05 -7.73 -19.88
C THR A 653 -31.20 -8.73 -19.98
N GLU A 654 -32.37 -8.19 -20.31
CA GLU A 654 -33.64 -8.92 -20.34
C GLU A 654 -34.46 -8.55 -21.59
N GLU A 655 -33.84 -8.64 -22.77
CA GLU A 655 -34.53 -8.24 -23.99
C GLU A 655 -34.45 -9.29 -25.10
N LEU A 656 -33.71 -10.39 -24.90
CA LEU A 656 -33.47 -11.37 -25.96
C LEU A 656 -33.33 -12.74 -25.30
N ALA A 657 -32.54 -13.67 -25.87
CA ALA A 657 -32.42 -15.06 -25.41
C ALA A 657 -32.50 -15.23 -23.89
N ARG A 658 -33.18 -16.30 -23.48
CA ARG A 658 -33.92 -16.40 -22.23
C ARG A 658 -33.19 -16.67 -20.92
N THR A 659 -31.90 -16.35 -20.81
CA THR A 659 -31.45 -15.89 -19.50
C THR A 659 -30.43 -14.79 -19.77
N CYS A 660 -29.81 -14.27 -18.70
CA CYS A 660 -29.08 -13.00 -18.72
C CYS A 660 -28.30 -12.77 -20.01
N VAL A 661 -27.47 -13.74 -20.42
CA VAL A 661 -26.83 -13.70 -21.72
C VAL A 661 -26.95 -15.09 -22.37
N LEU A 662 -27.75 -15.97 -21.77
CA LEU A 662 -27.53 -17.40 -21.93
C LEU A 662 -28.79 -18.26 -21.92
N VAL A 663 -28.61 -19.52 -21.54
CA VAL A 663 -29.60 -20.62 -21.59
C VAL A 663 -30.76 -20.47 -20.61
N ALA A 664 -31.00 -21.51 -19.80
CA ALA A 664 -31.98 -21.53 -18.70
C ALA A 664 -33.44 -21.38 -19.10
N ILE A 665 -34.00 -22.36 -19.80
CA ILE A 665 -35.44 -22.39 -20.08
C ILE A 665 -36.07 -23.74 -19.73
N ASP A 666 -35.25 -24.70 -19.30
CA ASP A 666 -35.71 -26.04 -18.89
C ASP A 666 -36.32 -26.82 -20.04
N ARG A 667 -37.62 -27.06 -20.02
CA ARG A 667 -38.23 -27.98 -20.99
C ARG A 667 -39.14 -27.27 -21.98
N THR A 668 -40.17 -26.58 -21.49
CA THR A 668 -41.13 -25.91 -22.35
C THR A 668 -41.04 -24.41 -22.04
N ILE A 669 -41.78 -23.58 -22.77
CA ILE A 669 -41.58 -22.14 -22.67
C ILE A 669 -42.90 -21.47 -22.31
N CYS A 670 -42.85 -20.67 -21.25
CA CYS A 670 -43.90 -19.72 -20.90
C CYS A 670 -43.24 -18.41 -20.48
N GLY A 671 -41.90 -18.43 -20.39
CA GLY A 671 -41.12 -17.29 -20.00
C GLY A 671 -39.65 -17.65 -19.94
N ALA A 672 -38.96 -17.25 -18.86
CA ALA A 672 -37.52 -17.46 -18.79
C ALA A 672 -36.94 -17.30 -17.39
N LEU A 673 -35.62 -17.21 -17.32
CA LEU A 673 -34.88 -16.86 -16.10
C LEU A 673 -33.95 -15.71 -16.44
N SER A 674 -33.09 -15.34 -15.48
CA SER A 674 -32.02 -14.39 -15.75
C SER A 674 -30.82 -14.73 -14.87
N VAL A 675 -29.85 -15.48 -15.41
CA VAL A 675 -28.70 -15.87 -14.62
C VAL A 675 -27.72 -14.71 -14.69
N SER A 676 -27.94 -13.72 -13.84
CA SER A 676 -27.25 -12.44 -13.97
C SER A 676 -26.17 -12.34 -12.90
N ASP A 677 -25.30 -11.40 -13.08
CA ASP A 677 -24.32 -11.03 -12.07
C ASP A 677 -25.02 -10.14 -11.05
N PRO A 678 -25.07 -10.52 -9.77
CA PRO A 678 -26.07 -9.94 -8.86
C PRO A 678 -25.88 -8.45 -8.62
N LEU A 679 -26.28 -7.68 -9.63
CA LEU A 679 -26.27 -6.22 -9.68
C LEU A 679 -25.25 -5.58 -8.75
N LYS A 680 -25.73 -4.81 -7.78
CA LYS A 680 -24.83 -3.95 -7.02
C LYS A 680 -25.53 -3.43 -5.77
N PRO A 681 -25.77 -4.29 -4.77
CA PRO A 681 -26.70 -3.96 -3.67
C PRO A 681 -26.82 -2.50 -3.27
N GLU A 682 -25.70 -1.80 -3.05
CA GLU A 682 -25.75 -0.39 -2.72
C GLU A 682 -24.90 0.48 -3.64
N ALA A 683 -24.29 -0.10 -4.68
CA ALA A 683 -23.38 0.67 -5.52
C ALA A 683 -24.11 1.78 -6.26
N GLY A 684 -25.42 1.63 -6.47
CA GLY A 684 -26.19 2.70 -7.09
C GLY A 684 -26.15 3.97 -6.27
N ARG A 685 -26.59 3.87 -5.01
CA ARG A 685 -26.52 5.04 -4.13
C ARG A 685 -25.08 5.46 -3.89
N ALA A 686 -24.14 4.51 -3.92
CA ALA A 686 -22.73 4.85 -3.74
C ALA A 686 -22.25 5.77 -4.85
N ILE A 687 -22.52 5.41 -6.10
CA ILE A 687 -22.12 6.21 -7.24
C ILE A 687 -22.85 7.55 -7.23
N SER A 688 -24.13 7.54 -6.86
CA SER A 688 -24.87 8.79 -6.80
C SER A 688 -24.24 9.74 -5.79
N TYR A 689 -23.91 9.23 -4.60
CA TYR A 689 -23.29 10.05 -3.57
C TYR A 689 -21.91 10.53 -4.01
N LEU A 690 -21.16 9.66 -4.70
CA LEU A 690 -19.86 10.05 -5.20
C LEU A 690 -19.97 11.20 -6.20
N SER A 691 -20.98 11.11 -7.08
CA SER A 691 -21.21 12.19 -8.04
C SER A 691 -21.63 13.47 -7.34
N SER A 692 -22.37 13.34 -6.24
CA SER A 692 -22.83 14.50 -5.49
C SER A 692 -21.67 15.33 -4.96
N MET A 693 -20.64 14.66 -4.44
CA MET A 693 -19.49 15.36 -3.87
C MET A 693 -18.50 15.78 -4.95
N GLY A 694 -18.93 15.74 -6.20
CA GLY A 694 -18.10 16.21 -7.31
C GLY A 694 -17.20 15.17 -7.93
N ILE A 695 -16.98 14.06 -7.22
CA ILE A 695 -16.14 12.99 -7.75
C ILE A 695 -16.85 12.30 -8.91
N SER A 696 -16.22 12.29 -10.08
CA SER A 696 -16.79 11.62 -11.23
C SER A 696 -16.65 10.11 -11.07
N SER A 697 -17.07 9.35 -12.08
CA SER A 697 -16.98 7.90 -11.98
C SER A 697 -16.71 7.29 -13.34
N ILE A 698 -15.80 6.31 -13.39
CA ILE A 698 -15.41 5.67 -14.63
C ILE A 698 -15.56 4.17 -14.44
N MET A 699 -15.83 3.44 -15.52
CA MET A 699 -15.92 1.99 -15.49
C MET A 699 -15.00 1.42 -16.56
N VAL A 700 -13.83 0.96 -16.14
CA VAL A 700 -12.87 0.32 -17.03
C VAL A 700 -12.88 -1.17 -16.67
N THR A 701 -13.68 -1.94 -17.38
CA THR A 701 -13.76 -3.38 -17.16
C THR A 701 -12.98 -4.12 -18.23
N GLY A 702 -13.08 -5.44 -18.23
CA GLY A 702 -12.44 -6.24 -19.25
C GLY A 702 -13.42 -7.19 -19.92
N ASP A 703 -14.68 -7.14 -19.48
CA ASP A 703 -15.70 -8.04 -19.99
C ASP A 703 -16.34 -7.51 -21.26
N ASN A 704 -17.46 -8.12 -21.66
CA ASN A 704 -18.14 -7.80 -22.90
C ASN A 704 -18.68 -6.38 -22.86
N TRP A 705 -18.72 -5.75 -24.03
CA TRP A 705 -19.30 -4.42 -24.15
C TRP A 705 -20.76 -4.43 -23.76
N ALA A 706 -21.49 -5.47 -24.17
CA ALA A 706 -22.92 -5.57 -23.92
C ALA A 706 -23.22 -5.61 -22.43
N THR A 707 -22.47 -6.43 -21.69
CA THR A 707 -22.66 -6.53 -20.25
C THR A 707 -22.35 -5.21 -19.58
N ALA A 708 -21.28 -4.55 -20.01
CA ALA A 708 -20.85 -3.28 -19.45
C ALA A 708 -21.92 -2.21 -19.64
N LYS A 709 -22.50 -2.16 -20.85
CA LYS A 709 -23.54 -1.20 -21.18
C LYS A 709 -24.65 -1.17 -20.14
N SER A 710 -25.29 -2.32 -19.92
CA SER A 710 -26.45 -2.40 -19.04
C SER A 710 -26.10 -2.03 -17.61
N ILE A 711 -25.00 -2.56 -17.10
CA ILE A 711 -24.61 -2.29 -15.72
C ILE A 711 -24.36 -0.80 -15.54
N ALA A 712 -23.59 -0.20 -16.44
CA ALA A 712 -23.30 1.23 -16.33
C ALA A 712 -24.56 2.07 -16.45
N LYS A 713 -25.45 1.68 -17.37
CA LYS A 713 -26.69 2.41 -17.55
C LYS A 713 -27.53 2.37 -16.27
N GLU A 714 -27.58 1.20 -15.62
CA GLU A 714 -28.43 1.06 -14.44
C GLU A 714 -27.84 1.80 -13.25
N VAL A 715 -26.54 1.65 -13.01
CA VAL A 715 -25.93 2.28 -11.84
C VAL A 715 -25.84 3.80 -12.04
N GLY A 716 -25.46 4.24 -13.23
CA GLY A 716 -25.28 5.65 -13.51
C GLY A 716 -23.87 6.05 -13.91
N ILE A 717 -22.97 5.10 -14.18
CA ILE A 717 -21.63 5.45 -14.61
C ILE A 717 -21.71 6.16 -15.95
N GLY A 718 -20.66 6.92 -16.27
CA GLY A 718 -20.61 7.68 -17.52
C GLY A 718 -19.87 6.93 -18.60
N THR A 719 -18.62 7.28 -18.84
CA THR A 719 -17.82 6.57 -19.84
C THR A 719 -17.71 5.10 -19.46
N VAL A 720 -17.71 4.24 -20.48
CA VAL A 720 -17.87 2.81 -20.27
C VAL A 720 -16.75 2.02 -20.95
N PHE A 721 -15.55 2.60 -21.03
CA PHE A 721 -14.43 1.93 -21.69
C PHE A 721 -14.30 0.48 -21.22
N ALA A 722 -14.48 -0.45 -22.15
CA ALA A 722 -14.50 -1.87 -21.83
C ALA A 722 -13.54 -2.66 -22.71
N GLU A 723 -13.51 -3.98 -22.55
CA GLU A 723 -12.59 -4.84 -23.28
C GLU A 723 -11.15 -4.39 -23.08
N ILE A 724 -10.79 -4.13 -21.83
CA ILE A 724 -9.51 -3.51 -21.52
C ILE A 724 -8.64 -4.48 -20.75
N ASP A 725 -7.41 -4.65 -21.22
CA ASP A 725 -6.37 -5.42 -20.57
C ASP A 725 -5.77 -4.65 -19.40
N PRO A 726 -5.06 -5.33 -18.49
CA PRO A 726 -4.45 -4.64 -17.34
C PRO A 726 -3.63 -3.43 -17.74
N VAL A 727 -2.85 -3.55 -18.83
CA VAL A 727 -2.03 -2.44 -19.29
C VAL A 727 -2.92 -1.26 -19.65
N GLY A 728 -4.02 -1.51 -20.37
CA GLY A 728 -4.94 -0.44 -20.69
C GLY A 728 -5.60 0.14 -19.46
N LYS A 729 -5.84 -0.70 -18.46
CA LYS A 729 -6.43 -0.22 -17.21
C LYS A 729 -5.49 0.76 -16.55
N ALA A 730 -4.19 0.46 -16.60
CA ALA A 730 -3.19 1.41 -16.10
C ALA A 730 -3.16 2.67 -16.96
N GLU A 731 -3.29 2.52 -18.27
CA GLU A 731 -3.24 3.65 -19.19
C GLU A 731 -4.37 4.64 -18.93
N LYS A 732 -5.57 4.13 -18.65
CA LYS A 732 -6.69 5.02 -18.36
C LYS A 732 -6.43 5.85 -17.11
N ILE A 733 -5.93 5.19 -16.06
CA ILE A 733 -5.58 5.90 -14.83
C ILE A 733 -4.54 6.97 -15.13
N LYS A 734 -3.50 6.61 -15.88
CA LYS A 734 -2.44 7.57 -16.19
C LYS A 734 -2.99 8.74 -16.99
N ASP A 735 -3.91 8.45 -17.92
CA ASP A 735 -4.47 9.50 -18.77
C ASP A 735 -5.28 10.48 -17.92
N LEU A 736 -6.15 9.97 -17.05
CA LEU A 736 -6.93 10.86 -16.20
C LEU A 736 -6.05 11.62 -15.22
N GLN A 737 -4.92 11.01 -14.81
CA GLN A 737 -3.95 11.77 -14.02
C GLN A 737 -3.36 12.91 -14.82
N MET A 738 -3.08 12.66 -16.10
CA MET A 738 -2.43 13.66 -16.93
C MET A 738 -3.30 14.91 -17.09
N LYS A 739 -4.61 14.74 -17.10
CA LYS A 739 -5.52 15.86 -17.27
C LYS A 739 -5.64 16.69 -16.00
N GLY A 740 -5.02 16.24 -14.92
CA GLY A 740 -4.94 17.04 -13.71
C GLY A 740 -5.58 16.41 -12.50
N LEU A 741 -6.69 15.71 -12.70
CA LEU A 741 -7.41 15.11 -11.58
C LEU A 741 -6.55 14.04 -10.92
N THR A 742 -6.70 13.93 -9.60
CA THR A 742 -6.08 12.84 -8.84
C THR A 742 -7.09 11.71 -8.73
N VAL A 743 -6.77 10.57 -9.35
CA VAL A 743 -7.74 9.50 -9.51
C VAL A 743 -7.48 8.38 -8.50
N ALA A 744 -8.43 7.45 -8.40
CA ALA A 744 -8.30 6.34 -7.46
C ALA A 744 -8.87 5.09 -8.11
N MET A 745 -8.13 3.99 -8.04
CA MET A 745 -8.53 2.71 -8.60
C MET A 745 -9.23 1.87 -7.54
N VAL A 746 -10.41 1.36 -7.88
CA VAL A 746 -11.13 0.44 -7.02
C VAL A 746 -11.25 -0.87 -7.79
N GLY A 747 -10.59 -1.92 -7.29
CA GLY A 747 -10.57 -3.19 -7.99
C GLY A 747 -10.54 -4.40 -7.08
N ASP A 748 -10.64 -5.59 -7.68
CA ASP A 748 -10.71 -6.81 -6.90
C ASP A 748 -9.74 -7.86 -7.42
N GLY A 749 -9.41 -7.80 -8.71
CA GLY A 749 -8.66 -8.87 -9.33
C GLY A 749 -7.21 -8.56 -9.62
N ILE A 750 -6.47 -9.57 -10.08
CA ILE A 750 -5.07 -9.37 -10.46
C ILE A 750 -4.98 -8.45 -11.67
N ASN A 751 -6.08 -8.31 -12.41
CA ASN A 751 -6.13 -7.34 -13.49
C ASN A 751 -5.94 -5.93 -12.96
N ASP A 752 -6.53 -5.64 -11.80
CA ASP A 752 -6.55 -4.29 -11.27
C ASP A 752 -5.20 -3.85 -10.72
N SER A 753 -4.31 -4.80 -10.43
CA SER A 753 -3.06 -4.52 -9.75
C SER A 753 -2.22 -3.47 -10.46
N PRO A 754 -1.98 -3.57 -11.79
CA PRO A 754 -1.24 -2.50 -12.45
C PRO A 754 -1.91 -1.14 -12.31
N ALA A 755 -3.25 -1.14 -12.39
CA ALA A 755 -3.98 0.10 -12.19
C ALA A 755 -4.08 0.46 -10.71
N LEU A 756 -4.16 -0.55 -9.84
CA LEU A 756 -4.25 -0.28 -8.41
C LEU A 756 -3.00 0.42 -7.90
N ALA A 757 -1.83 0.01 -8.37
CA ALA A 757 -0.59 0.64 -7.95
C ALA A 757 -0.43 2.00 -8.60
N ALA A 758 -0.78 2.10 -9.89
CA ALA A 758 -0.60 3.32 -10.65
C ALA A 758 -1.41 4.48 -10.07
N ALA A 759 -2.64 4.19 -9.64
CA ALA A 759 -3.52 5.21 -9.11
C ALA A 759 -2.93 5.85 -7.87
N ASP A 760 -3.28 7.12 -7.64
CA ASP A 760 -2.77 7.87 -6.50
C ASP A 760 -3.12 7.17 -5.20
N VAL A 761 -4.36 6.70 -5.08
CA VAL A 761 -4.76 5.87 -3.95
C VAL A 761 -5.59 4.69 -4.44
N GLY A 762 -5.00 3.50 -4.38
CA GLY A 762 -5.69 2.31 -4.83
C GLY A 762 -6.55 1.67 -3.76
N LEU A 763 -7.78 1.33 -4.12
CA LEU A 763 -8.72 0.69 -3.19
C LEU A 763 -8.99 -0.72 -3.67
N ALA A 764 -8.81 -1.69 -2.80
CA ALA A 764 -9.04 -3.09 -3.13
C ALA A 764 -10.17 -3.66 -2.30
N ILE A 765 -11.05 -4.40 -2.96
CA ILE A 765 -12.15 -5.08 -2.27
C ILE A 765 -11.60 -6.28 -1.53
N GLY A 766 -11.97 -6.41 -0.26
CA GLY A 766 -11.40 -7.45 0.59
C GLY A 766 -11.81 -8.85 0.19
N ALA A 767 -12.77 -8.97 -0.73
CA ALA A 767 -13.23 -10.27 -1.21
C ALA A 767 -12.56 -10.63 -2.53
N GLY A 768 -11.58 -9.82 -2.96
CA GLY A 768 -10.90 -10.03 -4.21
C GLY A 768 -9.67 -10.90 -4.06
N THR A 769 -8.86 -10.91 -5.11
CA THR A 769 -7.63 -11.69 -5.11
C THR A 769 -6.67 -11.17 -4.05
N ASP A 770 -5.87 -12.07 -3.49
CA ASP A 770 -4.95 -11.69 -2.43
C ASP A 770 -3.94 -10.67 -2.92
N VAL A 771 -3.53 -10.76 -4.18
CA VAL A 771 -2.54 -9.82 -4.70
C VAL A 771 -3.18 -8.45 -4.92
N ALA A 772 -4.49 -8.41 -5.09
CA ALA A 772 -5.18 -7.13 -5.13
C ALA A 772 -5.09 -6.42 -3.79
N ILE A 773 -5.30 -7.17 -2.70
CA ILE A 773 -5.12 -6.68 -1.35
C ILE A 773 -3.67 -6.23 -1.20
N GLU A 774 -2.77 -7.03 -1.76
CA GLU A 774 -1.34 -6.73 -1.77
C GLU A 774 -1.05 -5.36 -2.36
N ALA A 775 -1.54 -5.10 -3.56
CA ALA A 775 -1.04 -3.96 -4.32
C ALA A 775 -1.76 -2.67 -4.02
N ALA A 776 -2.86 -2.63 -3.26
CA ALA A 776 -3.57 -1.39 -3.05
C ALA A 776 -2.97 -0.59 -1.90
N ASP A 777 -3.51 0.60 -1.66
CA ASP A 777 -3.10 1.40 -0.51
C ASP A 777 -4.20 1.34 0.54
N ILE A 778 -5.43 1.11 0.11
CA ILE A 778 -6.56 0.92 0.99
C ILE A 778 -7.24 -0.40 0.62
N VAL A 779 -7.52 -1.23 1.61
CA VAL A 779 -8.25 -2.48 1.41
C VAL A 779 -9.59 -2.36 2.09
N LEU A 780 -10.64 -2.80 1.40
CA LEU A 780 -12.00 -2.68 1.90
C LEU A 780 -12.46 -4.02 2.47
N MET A 781 -12.42 -4.14 3.80
CA MET A 781 -12.72 -5.43 4.43
C MET A 781 -14.17 -5.83 4.19
N ARG A 782 -15.10 -5.01 4.68
CA ARG A 782 -16.51 -5.27 4.41
C ARG A 782 -16.77 -4.95 2.94
N SER A 783 -17.18 -5.95 2.17
CA SER A 783 -17.31 -5.75 0.73
C SER A 783 -18.49 -4.82 0.47
N SER A 784 -18.19 -3.54 0.26
CA SER A 784 -19.23 -2.52 0.11
C SER A 784 -18.60 -1.32 -0.57
N LEU A 785 -19.15 -0.94 -1.73
CA LEU A 785 -18.60 0.19 -2.45
C LEU A 785 -18.80 1.50 -1.69
N GLU A 786 -19.72 1.50 -0.73
CA GLU A 786 -19.98 2.65 0.12
C GLU A 786 -18.75 2.94 0.98
N ASP A 787 -17.92 1.92 1.18
CA ASP A 787 -16.67 2.11 1.90
C ASP A 787 -15.70 3.01 1.16
N VAL A 788 -15.81 3.13 -0.17
CA VAL A 788 -15.04 4.12 -0.89
C VAL A 788 -15.42 5.53 -0.44
N ILE A 789 -16.73 5.78 -0.31
CA ILE A 789 -17.21 7.05 0.20
C ILE A 789 -16.69 7.29 1.60
N THR A 790 -16.75 6.25 2.43
CA THR A 790 -16.24 6.37 3.80
C THR A 790 -14.76 6.74 3.80
N ALA A 791 -13.98 6.09 2.93
CA ALA A 791 -12.55 6.35 2.86
C ALA A 791 -12.26 7.78 2.44
N ILE A 792 -12.98 8.28 1.43
CA ILE A 792 -12.76 9.65 0.98
C ILE A 792 -13.14 10.64 2.09
N ASP A 793 -14.23 10.36 2.79
CA ASP A 793 -14.67 11.26 3.85
C ASP A 793 -13.65 11.27 4.99
N LEU A 794 -13.14 10.09 5.35
CA LEU A 794 -12.13 9.97 6.40
C LEU A 794 -10.81 10.59 5.97
N SER A 795 -10.57 10.67 4.67
CA SER A 795 -9.38 11.37 4.18
C SER A 795 -9.55 12.87 4.15
N ARG A 796 -10.77 13.38 3.95
CA ARG A 796 -11.05 14.80 4.03
C ARG A 796 -11.03 15.31 5.48
N LYS A 797 -11.60 14.50 6.39
CA LYS A 797 -11.69 14.92 7.77
C LYS A 797 -10.36 14.78 8.49
N THR A 798 -9.35 14.19 7.84
CA THR A 798 -8.01 14.16 8.41
C THR A 798 -7.08 15.18 7.77
N LEU A 799 -7.53 15.85 6.71
CA LEU A 799 -6.89 17.09 6.27
C LEU A 799 -7.43 18.31 6.97
N SER A 800 -8.73 18.36 7.21
CA SER A 800 -9.17 19.10 8.37
C SER A 800 -8.58 18.39 9.60
N ARG A 801 -8.20 19.17 10.59
CA ARG A 801 -7.51 18.65 11.78
C ARG A 801 -6.12 18.11 11.43
N ILE A 802 -5.60 18.50 10.28
CA ILE A 802 -4.16 18.39 10.06
C ILE A 802 -3.71 19.77 9.62
N ARG A 803 -4.63 20.57 9.13
CA ARG A 803 -4.36 22.01 9.06
C ARG A 803 -4.40 22.60 10.47
N LEU A 804 -5.41 22.22 11.25
CA LEU A 804 -5.28 22.29 12.69
C LEU A 804 -4.22 21.28 13.11
N ASN A 805 -3.61 21.52 14.28
CA ASN A 805 -2.46 20.76 14.78
C ASN A 805 -1.20 21.18 14.03
N TYR A 806 -1.36 21.94 12.95
CA TYR A 806 -0.36 22.91 12.50
C TYR A 806 -0.65 24.28 13.06
N VAL A 807 -1.91 24.70 13.01
CA VAL A 807 -2.29 25.93 13.70
C VAL A 807 -1.99 25.82 15.19
N TRP A 808 -2.44 24.74 15.82
CA TRP A 808 -2.21 24.53 17.24
C TRP A 808 -0.75 24.22 17.56
N ALA A 809 0.04 23.90 16.54
CA ALA A 809 1.46 23.66 16.76
C ALA A 809 2.22 24.98 16.76
N LEU A 810 2.06 25.75 15.68
CA LEU A 810 2.78 27.01 15.55
C LEU A 810 2.29 28.07 16.53
N GLY A 811 0.97 28.19 16.69
CA GLY A 811 0.39 29.31 17.41
C GLY A 811 0.93 29.53 18.81
N TYR A 812 1.20 28.47 19.55
CA TYR A 812 1.70 28.64 20.91
C TYR A 812 3.06 29.32 20.92
N ASN A 813 3.93 28.97 19.97
CA ASN A 813 5.23 29.61 19.89
C ASN A 813 5.12 31.01 19.29
N VAL A 814 4.25 31.17 18.30
CA VAL A 814 4.09 32.46 17.63
C VAL A 814 3.58 33.48 18.65
N LEU A 815 2.57 33.11 19.44
CA LEU A 815 2.14 33.99 20.51
C LEU A 815 2.90 33.67 21.79
N GLY A 816 4.20 33.48 21.67
CA GLY A 816 5.11 33.54 22.78
C GLY A 816 6.34 34.30 22.36
N MET A 817 6.46 34.48 21.04
CA MET A 817 7.54 35.30 20.50
C MET A 817 7.51 36.75 20.96
N PRO A 818 6.35 37.45 20.96
CA PRO A 818 6.35 38.81 21.54
C PRO A 818 6.76 38.82 23.00
N VAL A 819 6.32 37.83 23.76
CA VAL A 819 6.69 37.73 25.17
C VAL A 819 8.19 37.51 25.29
N ALA A 820 8.73 36.64 24.43
CA ALA A 820 10.16 36.38 24.43
C ALA A 820 10.94 37.64 24.12
N ALA A 821 10.49 38.40 23.12
CA ALA A 821 11.18 39.61 22.73
C ALA A 821 11.12 40.67 23.83
N GLY A 822 10.17 40.55 24.73
CA GLY A 822 10.04 41.49 25.82
C GLY A 822 9.08 42.64 25.57
N VAL A 823 8.11 42.48 24.68
CA VAL A 823 7.14 43.53 24.41
C VAL A 823 6.41 43.86 25.70
N LEU A 824 6.10 42.84 26.49
CA LEU A 824 5.39 43.06 27.75
C LEU A 824 6.26 43.83 28.75
N PHE A 825 7.58 43.67 28.64
CA PHE A 825 8.51 44.16 29.65
C PHE A 825 8.35 45.66 29.94
N PRO A 826 8.27 46.54 28.93
CA PRO A 826 8.01 47.95 29.26
C PRO A 826 6.71 48.19 30.01
N PHE A 827 5.68 47.40 29.70
CA PHE A 827 4.34 47.68 30.21
C PHE A 827 3.95 46.85 31.42
N THR A 828 4.73 45.84 31.80
CA THR A 828 4.42 45.11 33.03
C THR A 828 5.65 44.85 33.87
N GLY A 829 6.83 45.08 33.31
CA GLY A 829 8.07 44.85 34.02
C GLY A 829 8.43 43.38 34.20
N ILE A 830 7.72 42.46 33.58
CA ILE A 830 7.99 41.04 33.72
C ILE A 830 8.86 40.57 32.56
N ARG A 831 10.01 39.98 32.89
CA ARG A 831 10.94 39.51 31.87
C ARG A 831 10.51 38.13 31.39
N LEU A 832 11.37 37.46 30.62
CA LEU A 832 11.10 36.10 30.19
C LEU A 832 11.11 35.17 31.39
N PRO A 833 10.02 34.45 31.66
CA PRO A 833 10.10 33.38 32.65
C PRO A 833 10.78 32.17 32.04
N PRO A 834 11.83 31.66 32.70
CA PRO A 834 12.53 30.47 32.16
C PRO A 834 11.60 29.28 32.03
N TRP A 835 10.61 29.22 32.91
CA TRP A 835 9.63 28.15 32.87
C TRP A 835 8.37 28.57 32.11
N LEU A 836 7.70 29.63 32.54
CA LEU A 836 6.35 29.91 32.05
C LEU A 836 6.31 30.30 30.57
N ALA A 837 7.46 30.31 29.90
CA ALA A 837 7.45 30.46 28.44
C ALA A 837 8.36 29.45 27.75
N GLY A 838 9.16 28.68 28.48
CA GLY A 838 9.96 27.65 27.85
C GLY A 838 9.20 26.34 27.77
N ALA A 839 8.22 26.16 28.66
CA ALA A 839 7.38 24.97 28.63
C ALA A 839 6.09 25.24 27.86
N CYS A 840 6.26 25.79 26.66
CA CYS A 840 5.18 25.91 25.70
C CYS A 840 4.99 24.64 24.90
N MET A 841 6.05 23.84 24.76
CA MET A 841 5.95 22.55 24.10
C MET A 841 4.99 21.62 24.83
N ALA A 842 4.93 21.71 26.15
CA ALA A 842 3.95 20.93 26.91
C ALA A 842 2.56 21.36 26.49
N ALA A 843 2.33 22.67 26.40
CA ALA A 843 1.06 23.16 25.89
C ALA A 843 0.91 22.82 24.40
N SER A 844 1.99 22.92 23.65
CA SER A 844 1.92 22.67 22.21
C SER A 844 1.57 21.22 21.91
N SER A 845 2.32 20.28 22.50
CA SER A 845 2.13 18.87 22.18
C SER A 845 0.77 18.38 22.67
N VAL A 846 0.44 18.69 23.93
CA VAL A 846 -0.85 18.28 24.48
C VAL A 846 -2.01 18.90 23.73
N SER A 847 -1.86 20.12 23.20
CA SER A 847 -2.89 20.69 22.35
C SER A 847 -3.11 19.90 21.08
N VAL A 848 -2.15 19.07 20.67
CA VAL A 848 -2.32 18.26 19.48
C VAL A 848 -3.01 16.96 19.85
N VAL A 849 -4.34 16.99 19.91
CA VAL A 849 -5.17 15.82 20.16
C VAL A 849 -6.05 15.61 18.94
N CYS A 850 -6.29 14.35 18.61
CA CYS A 850 -7.08 13.98 17.44
C CYS A 850 -8.35 13.26 17.88
N SER A 851 -9.47 13.64 17.28
CA SER A 851 -10.77 13.08 17.59
C SER A 851 -11.15 12.03 16.57
N SER A 852 -11.90 11.03 17.00
CA SER A 852 -12.32 9.90 16.17
C SER A 852 -13.84 9.73 16.30
N LEU A 853 -14.58 10.45 15.47
CA LEU A 853 -16.04 10.38 15.44
C LEU A 853 -16.50 10.66 14.02
N LEU A 854 -16.72 9.59 13.25
CA LEU A 854 -16.87 9.73 11.81
C LEU A 854 -18.01 8.85 11.30
N LEU A 855 -18.01 8.61 9.99
CA LEU A 855 -19.00 7.83 9.24
C LEU A 855 -20.30 8.59 9.07
N GLN A 856 -20.83 8.60 7.85
CA GLN A 856 -22.06 9.35 7.55
C GLN A 856 -22.96 8.59 6.60
N LEU A 857 -22.53 7.40 6.18
CA LEU A 857 -23.15 6.64 5.09
C LEU A 857 -23.63 7.55 3.96
AL ALF B . -13.17 -6.66 -13.92
F1 ALF B . -12.77 -5.88 -15.47
F2 ALF B . -13.57 -7.45 -12.37
F3 ALF B . -11.46 -7.11 -13.71
F4 ALF B . -14.88 -6.20 -14.12
MG MG C . -12.87 -7.57 -10.62
#